data_6A6V
#
_entry.id   6A6V
#
_cell.length_a   135.540
_cell.length_b   135.540
_cell.length_c   144.680
_cell.angle_alpha   90.00
_cell.angle_beta   90.00
_cell.angle_gamma   120.00
#
_symmetry.space_group_name_H-M   'P 65'
#
loop_
_entity.id
_entity.type
_entity.pdbx_description
1 polymer 'Fructosyl amine: oxygen oxidoreductase'
2 non-polymer 'FLAVIN-ADENINE DINUCLEOTIDE'
3 non-polymer 1-S-(carboxymethyl)-1-thio-beta-D-fructopyranose
#
_entity_poly.entity_id   1
_entity_poly.type   'polypeptide(L)'
_entity_poly.pdbx_seq_one_letter_code
;MAPRANTKIIVVGGGGTMGSSTALHLLRAGYTPSNITVLDTYPIPSAQSAGYDLNKIFGISGANKPDLQLSLEAFDMWKN
DPLFKPFFHNVGQMDVSSTEEGIKKLRKRYQSLLRAGIGLEKTNFLLESEDEILAKAPHFTREQIKGWKGLFCGDGGWLA
AAKAINAIGQFLKEQGVKFGFGEAGTFKKPLFADADEKTCIGVETVDGTKYYADKVVLAAGAWSSTLVDLEEQCVSKAWV
FAHIQLTPAEAAAYKNTPVIYDGDYGFFIEPDENGIIKVCDEFPGFTHFKMHQPYGSPVPKLISVPRSHAKHPTDTYPHA
SEVTIKKAINRFLPRFNDKELFNRAMCWCTDTADANLLVCEHPRWKGFYLATGDSGHSFKLLPNIGKHVVELLEGRLESV
FKDAWRWRPGSGDALKSRRAAPAKDLADMPGWRNEAKM
;
_entity_poly.pdbx_strand_id   A,H
#
# COMPACT_ATOMS: atom_id res chain seq x y z
N PRO A 3 25.54 -14.77 -7.41
CA PRO A 3 25.24 -16.05 -8.06
C PRO A 3 24.65 -17.07 -7.10
N ARG A 4 23.78 -17.94 -7.61
CA ARG A 4 22.98 -18.81 -6.75
C ARG A 4 23.80 -19.83 -5.95
N ALA A 5 24.86 -20.34 -6.56
CA ALA A 5 25.63 -21.42 -5.97
C ALA A 5 26.43 -20.98 -4.75
N ASN A 6 26.42 -19.68 -4.46
CA ASN A 6 27.09 -19.19 -3.26
C ASN A 6 26.19 -18.28 -2.42
N THR A 7 24.90 -18.27 -2.76
CA THR A 7 23.91 -17.54 -1.98
C THR A 7 23.28 -18.47 -0.95
N LYS A 8 23.23 -18.01 0.31
CA LYS A 8 22.63 -18.78 1.39
C LYS A 8 21.24 -18.23 1.70
N ILE A 9 20.26 -19.12 1.77
CA ILE A 9 18.87 -18.75 2.07
C ILE A 9 18.36 -19.50 3.31
N ILE A 10 17.69 -18.78 4.20
CA ILE A 10 17.00 -19.41 5.33
C ILE A 10 15.51 -19.41 5.10
N VAL A 11 14.87 -20.58 5.17
CA VAL A 11 13.42 -20.60 5.03
C VAL A 11 12.77 -20.92 6.38
N VAL A 12 12.25 -19.88 7.02
CA VAL A 12 11.52 -20.03 8.27
C VAL A 12 10.12 -20.53 7.96
N GLY A 13 9.72 -21.62 8.61
CA GLY A 13 8.44 -22.23 8.33
C GLY A 13 8.52 -23.17 7.14
N GLY A 14 9.71 -23.70 6.91
CA GLY A 14 9.99 -24.54 5.76
C GLY A 14 9.36 -25.92 5.82
N GLY A 15 8.69 -26.24 6.92
CA GLY A 15 8.05 -27.53 7.03
C GLY A 15 6.59 -27.44 6.64
N GLY A 16 6.20 -26.24 6.21
CA GLY A 16 4.83 -25.97 5.81
C GLY A 16 4.64 -25.89 4.30
N THR A 17 3.51 -25.33 3.89
CA THR A 17 3.12 -25.29 2.48
C THR A 17 4.00 -24.34 1.66
N MET A 18 3.86 -23.03 1.88
CA MET A 18 4.63 -22.03 1.13
C MET A 18 6.13 -22.19 1.45
N GLY A 19 6.41 -22.58 2.68
CA GLY A 19 7.77 -22.82 3.11
C GLY A 19 8.49 -23.91 2.33
N SER A 20 7.92 -25.12 2.34
CA SER A 20 8.53 -26.25 1.65
C SER A 20 8.59 -26.03 0.15
N SER A 21 7.58 -25.36 -0.38
CA SER A 21 7.51 -25.04 -1.80
C SER A 21 8.67 -24.14 -2.20
N THR A 22 8.97 -23.16 -1.35
CA THR A 22 10.07 -22.24 -1.59
C THR A 22 11.41 -22.98 -1.59
N ALA A 23 11.59 -23.87 -0.62
CA ALA A 23 12.80 -24.68 -0.54
C ALA A 23 12.97 -25.56 -1.78
N LEU A 24 11.88 -26.16 -2.22
CA LEU A 24 11.91 -27.00 -3.42
C LEU A 24 12.37 -26.24 -4.65
N HIS A 25 11.82 -25.05 -4.84
CA HIS A 25 12.11 -24.26 -6.03
C HIS A 25 13.42 -23.51 -5.93
N LEU A 26 14.00 -23.45 -4.74
CA LEU A 26 15.35 -22.95 -4.59
C LEU A 26 16.33 -23.95 -5.18
N LEU A 27 16.09 -25.24 -4.91
CA LEU A 27 16.93 -26.28 -5.45
C LEU A 27 16.83 -26.34 -6.96
N ARG A 28 15.60 -26.25 -7.47
CA ARG A 28 15.33 -26.32 -8.90
C ARG A 28 15.91 -25.14 -9.67
N ALA A 29 16.08 -24.02 -8.98
CA ALA A 29 16.61 -22.81 -9.58
C ALA A 29 18.11 -22.90 -9.73
N GLY A 30 18.73 -23.72 -8.89
CA GLY A 30 20.15 -23.95 -8.96
C GLY A 30 20.93 -23.53 -7.73
N TYR A 31 20.20 -23.27 -6.64
CA TYR A 31 20.86 -22.95 -5.38
C TYR A 31 21.50 -24.21 -4.81
N THR A 32 22.61 -24.05 -4.12
CA THR A 32 23.30 -25.16 -3.49
C THR A 32 22.53 -25.62 -2.26
N PRO A 33 22.15 -26.91 -2.22
CA PRO A 33 21.34 -27.49 -1.15
C PRO A 33 21.91 -27.23 0.25
N SER A 34 23.23 -27.22 0.39
CA SER A 34 23.85 -27.00 1.70
C SER A 34 23.80 -25.53 2.12
N ASN A 35 23.45 -24.65 1.19
CA ASN A 35 23.29 -23.22 1.48
C ASN A 35 21.87 -22.90 1.90
N ILE A 36 21.01 -23.91 1.88
CA ILE A 36 19.61 -23.70 2.20
C ILE A 36 19.26 -24.36 3.53
N THR A 37 18.75 -23.55 4.45
CA THR A 37 18.41 -24.03 5.79
C THR A 37 16.92 -23.90 6.07
N VAL A 38 16.29 -25.02 6.37
CA VAL A 38 14.87 -25.05 6.70
C VAL A 38 14.68 -25.05 8.22
N LEU A 39 13.95 -24.10 8.76
CA LEU A 39 13.72 -24.11 10.17
C LEU A 39 12.25 -24.19 10.45
N ASP A 40 11.81 -25.14 11.26
CA ASP A 40 10.42 -25.21 11.64
C ASP A 40 10.36 -25.72 13.05
N THR A 41 9.31 -25.41 13.77
CA THR A 41 9.12 -25.93 15.09
C THR A 41 8.97 -27.44 15.03
N TYR A 42 8.33 -27.93 14.00
CA TYR A 42 8.09 -29.35 13.79
C TYR A 42 8.80 -29.88 12.56
N PRO A 43 9.27 -31.13 12.60
CA PRO A 43 9.93 -31.76 11.44
C PRO A 43 8.97 -31.85 10.26
N ILE A 44 9.50 -31.76 9.04
CA ILE A 44 8.67 -31.78 7.84
C ILE A 44 8.18 -33.20 7.53
N PRO A 45 6.86 -33.37 7.30
CA PRO A 45 5.81 -32.34 7.26
C PRO A 45 5.38 -31.87 8.65
N SER A 46 5.38 -30.56 8.85
CA SER A 46 5.05 -29.98 10.16
C SER A 46 3.70 -30.45 10.67
N ALA A 47 3.67 -30.90 11.92
CA ALA A 47 2.43 -31.37 12.53
C ALA A 47 1.44 -30.22 12.71
N GLN A 48 1.91 -28.98 12.65
CA GLN A 48 1.02 -27.86 12.82
C GLN A 48 0.81 -26.98 11.58
N SER A 49 1.36 -27.34 10.42
CA SER A 49 1.03 -26.56 9.22
C SER A 49 -0.40 -26.89 8.86
N ALA A 50 -1.09 -25.92 8.27
CA ALA A 50 -2.43 -26.16 7.77
C ALA A 50 -2.42 -27.23 6.66
N GLY A 51 -1.22 -27.57 6.18
CA GLY A 51 -1.07 -28.61 5.18
C GLY A 51 -1.05 -30.02 5.75
N TYR A 52 -0.90 -30.14 7.07
CA TYR A 52 -0.88 -31.46 7.71
C TYR A 52 -2.30 -31.99 7.82
N ASP A 53 -2.79 -32.53 6.71
CA ASP A 53 -4.18 -32.95 6.60
C ASP A 53 -4.23 -34.15 5.65
N LEU A 54 -5.22 -35.02 5.83
CA LEU A 54 -5.40 -36.15 4.91
C LEU A 54 -5.56 -35.64 3.49
N ASN A 55 -6.33 -34.56 3.35
CA ASN A 55 -6.63 -34.03 2.04
C ASN A 55 -6.96 -32.53 2.04
N LYS A 56 -6.88 -31.94 0.84
CA LYS A 56 -7.35 -30.59 0.59
C LYS A 56 -8.11 -30.60 -0.72
N ILE A 57 -8.93 -29.59 -0.95
CA ILE A 57 -9.63 -29.47 -2.23
C ILE A 57 -8.76 -28.77 -3.27
N PHE A 58 -8.77 -29.30 -4.49
CA PHE A 58 -8.24 -28.53 -5.61
C PHE A 58 -9.39 -28.07 -6.48
N GLY A 59 -9.37 -26.79 -6.84
CA GLY A 59 -10.38 -26.21 -7.71
C GLY A 59 -9.84 -24.95 -8.33
N ILE A 60 -10.57 -24.39 -9.30
CA ILE A 60 -10.12 -23.17 -9.97
C ILE A 60 -10.88 -21.97 -9.38
N SER A 61 -10.15 -21.05 -8.76
CA SER A 61 -10.73 -19.84 -8.22
C SER A 61 -10.42 -18.64 -9.11
N GLY A 62 -11.42 -17.80 -9.35
CA GLY A 62 -11.25 -16.61 -10.17
C GLY A 62 -11.34 -15.34 -9.34
N ALA A 63 -11.09 -15.50 -8.04
CA ALA A 63 -11.26 -14.43 -7.04
C ALA A 63 -10.51 -13.15 -7.38
N ASN A 64 -9.34 -13.31 -7.99
CA ASN A 64 -8.49 -12.20 -8.39
C ASN A 64 -7.92 -12.34 -9.79
N LYS A 65 -7.13 -11.34 -10.15
CA LYS A 65 -6.46 -11.28 -11.43
C LYS A 65 -5.46 -12.42 -11.55
N PRO A 66 -4.55 -12.58 -10.56
CA PRO A 66 -3.61 -13.67 -10.77
C PRO A 66 -4.05 -15.01 -10.16
N ASP A 67 -5.21 -15.07 -9.52
CA ASP A 67 -5.63 -16.32 -8.91
C ASP A 67 -5.92 -17.32 -10.01
N LEU A 68 -6.47 -16.81 -11.11
CA LEU A 68 -6.80 -17.62 -12.26
C LEU A 68 -5.52 -18.20 -12.87
N GLN A 69 -4.54 -17.34 -13.12
CA GLN A 69 -3.25 -17.76 -13.67
C GLN A 69 -2.57 -18.78 -12.75
N LEU A 70 -2.61 -18.51 -11.45
CA LEU A 70 -1.92 -19.36 -10.47
C LEU A 70 -2.58 -20.73 -10.34
N SER A 71 -3.91 -20.75 -10.39
CA SER A 71 -4.64 -22.01 -10.22
C SER A 71 -4.41 -22.93 -11.42
N LEU A 72 -4.32 -22.34 -12.61
CA LEU A 72 -4.05 -23.13 -13.81
C LEU A 72 -2.60 -23.62 -13.81
N GLU A 73 -1.69 -22.77 -13.34
CA GLU A 73 -0.28 -23.13 -13.21
C GLU A 73 -0.12 -24.31 -12.27
N ALA A 74 -0.82 -24.25 -11.13
CA ALA A 74 -0.79 -25.33 -10.14
C ALA A 74 -1.40 -26.62 -10.70
N PHE A 75 -2.52 -26.46 -11.41
CA PHE A 75 -3.19 -27.60 -12.04
C PHE A 75 -2.24 -28.35 -12.95
N ASP A 76 -1.47 -27.61 -13.73
CA ASP A 76 -0.55 -28.21 -14.68
C ASP A 76 0.48 -29.08 -13.96
N MET A 77 1.01 -28.56 -12.87
CA MET A 77 2.03 -29.29 -12.11
C MET A 77 1.44 -30.45 -11.33
N TRP A 78 0.21 -30.30 -10.85
CA TRP A 78 -0.43 -31.40 -10.13
C TRP A 78 -0.70 -32.60 -11.04
N LYS A 79 -0.73 -32.36 -12.35
CA LYS A 79 -0.98 -33.45 -13.28
C LYS A 79 0.28 -33.94 -13.96
N ASN A 80 1.26 -33.06 -14.12
CA ASN A 80 2.40 -33.33 -14.96
C ASN A 80 3.76 -33.30 -14.26
N ASP A 81 3.83 -32.69 -13.09
CA ASP A 81 5.08 -32.72 -12.32
C ASP A 81 5.22 -34.07 -11.61
N PRO A 82 6.33 -34.78 -11.88
CA PRO A 82 6.50 -36.15 -11.36
C PRO A 82 6.49 -36.23 -9.84
N LEU A 83 6.91 -35.16 -9.16
CA LEU A 83 6.94 -35.15 -7.71
C LEU A 83 5.53 -35.07 -7.14
N PHE A 84 4.71 -34.24 -7.74
CA PHE A 84 3.39 -33.90 -7.19
C PHE A 84 2.23 -34.76 -7.71
N LYS A 85 2.31 -35.21 -8.96
CA LYS A 85 1.17 -35.88 -9.59
C LYS A 85 0.66 -37.18 -8.91
N PRO A 86 1.49 -37.85 -8.08
CA PRO A 86 0.87 -38.96 -7.35
C PRO A 86 -0.18 -38.56 -6.30
N PHE A 87 -0.18 -37.30 -5.89
CA PHE A 87 -1.01 -36.89 -4.76
C PHE A 87 -2.22 -36.09 -5.23
N PHE A 88 -2.36 -35.93 -6.54
CA PHE A 88 -3.52 -35.29 -7.13
C PHE A 88 -4.55 -36.32 -7.56
N HIS A 89 -5.76 -36.18 -7.05
CA HIS A 89 -6.87 -37.01 -7.47
C HIS A 89 -7.86 -36.15 -8.24
N ASN A 90 -7.81 -36.25 -9.57
CA ASN A 90 -8.52 -35.35 -10.45
C ASN A 90 -9.94 -35.88 -10.70
N VAL A 91 -10.74 -35.90 -9.66
CA VAL A 91 -12.06 -36.50 -9.72
C VAL A 91 -13.14 -35.44 -9.96
N GLY A 92 -12.71 -34.19 -10.00
CA GLY A 92 -13.60 -33.09 -10.27
C GLY A 92 -14.14 -32.48 -8.99
N GLN A 93 -14.63 -31.25 -9.09
CA GLN A 93 -15.19 -30.58 -7.93
C GLN A 93 -16.51 -29.92 -8.29
N MET A 94 -17.51 -30.10 -7.45
CA MET A 94 -18.83 -29.56 -7.73
C MET A 94 -19.31 -28.60 -6.63
N ASP A 95 -19.52 -27.34 -7.00
CA ASP A 95 -20.20 -26.38 -6.14
C ASP A 95 -21.70 -26.53 -6.32
N VAL A 96 -22.42 -26.72 -5.22
CA VAL A 96 -23.86 -26.85 -5.28
C VAL A 96 -24.56 -25.83 -4.38
N SER A 97 -25.82 -25.55 -4.68
CA SER A 97 -26.67 -24.71 -3.83
C SER A 97 -28.14 -24.93 -4.22
N SER A 98 -29.05 -24.77 -3.26
CA SER A 98 -30.47 -24.88 -3.56
C SER A 98 -31.22 -23.61 -3.17
N THR A 99 -30.48 -22.61 -2.71
CA THR A 99 -31.07 -21.33 -2.37
C THR A 99 -31.04 -20.43 -3.61
N GLU A 100 -31.96 -19.47 -3.68
CA GLU A 100 -31.97 -18.54 -4.82
C GLU A 100 -30.71 -17.70 -4.86
N GLU A 101 -30.35 -17.14 -3.71
CA GLU A 101 -29.18 -16.30 -3.60
C GLU A 101 -27.92 -17.06 -4.01
N GLY A 102 -27.81 -18.31 -3.53
CA GLY A 102 -26.67 -19.16 -3.79
C GLY A 102 -26.54 -19.62 -5.23
N ILE A 103 -27.66 -20.03 -5.82
CA ILE A 103 -27.66 -20.47 -7.22
C ILE A 103 -27.24 -19.33 -8.15
N LYS A 104 -27.57 -18.09 -7.81
CA LYS A 104 -27.13 -16.96 -8.63
C LYS A 104 -25.65 -16.70 -8.48
N LYS A 105 -25.10 -17.04 -7.32
CA LYS A 105 -23.67 -16.89 -7.09
C LYS A 105 -22.93 -17.82 -8.06
N LEU A 106 -23.44 -19.04 -8.18
CA LEU A 106 -22.90 -20.02 -9.11
C LEU A 106 -22.92 -19.51 -10.55
N ARG A 107 -24.04 -18.93 -10.95
CA ARG A 107 -24.18 -18.48 -12.33
C ARG A 107 -23.25 -17.30 -12.61
N LYS A 108 -22.99 -16.47 -11.60
CA LYS A 108 -22.10 -15.34 -11.80
C LYS A 108 -20.66 -15.82 -11.85
N ARG A 109 -20.35 -16.85 -11.08
CA ARG A 109 -19.01 -17.43 -11.11
C ARG A 109 -18.73 -18.06 -12.46
N TYR A 110 -19.69 -18.84 -12.95
CA TYR A 110 -19.53 -19.46 -14.25
C TYR A 110 -19.30 -18.39 -15.31
N GLN A 111 -20.05 -17.31 -15.21
CA GLN A 111 -20.03 -16.26 -16.22
C GLN A 111 -18.68 -15.54 -16.26
N SER A 112 -18.07 -15.30 -15.10
CA SER A 112 -16.78 -14.64 -15.04
C SER A 112 -15.64 -15.56 -15.53
N LEU A 113 -15.84 -16.87 -15.40
CA LEU A 113 -14.89 -17.83 -15.94
C LEU A 113 -14.85 -17.74 -17.47
N LEU A 114 -16.01 -17.50 -18.08
CA LEU A 114 -16.12 -17.33 -19.52
C LEU A 114 -15.49 -16.02 -19.99
N ARG A 115 -15.63 -14.96 -19.20
CA ARG A 115 -15.09 -13.64 -19.58
C ARG A 115 -13.59 -13.57 -19.34
N ALA A 116 -13.03 -14.61 -18.74
CA ALA A 116 -11.59 -14.75 -18.65
C ALA A 116 -11.02 -14.94 -20.05
N GLY A 117 -11.82 -15.56 -20.91
CA GLY A 117 -11.48 -15.76 -22.30
C GLY A 117 -10.27 -16.65 -22.46
N ILE A 118 -10.17 -17.70 -21.65
CA ILE A 118 -9.06 -18.62 -21.74
C ILE A 118 -9.55 -20.05 -21.83
N GLY A 119 -10.75 -20.22 -22.39
CA GLY A 119 -11.31 -21.52 -22.67
C GLY A 119 -11.71 -22.34 -21.45
N LEU A 120 -12.12 -21.68 -20.38
CA LEU A 120 -12.53 -22.38 -19.16
C LEU A 120 -13.89 -23.06 -19.31
N GLU A 121 -14.64 -22.66 -20.33
CA GLU A 121 -15.95 -23.23 -20.60
C GLU A 121 -15.85 -24.69 -21.06
N LYS A 122 -14.64 -25.08 -21.47
CA LYS A 122 -14.38 -26.45 -21.89
C LYS A 122 -14.31 -27.41 -20.71
N THR A 123 -14.08 -26.87 -19.52
CA THR A 123 -13.87 -27.68 -18.32
C THR A 123 -14.74 -27.27 -17.12
N ASN A 124 -15.62 -26.30 -17.31
CA ASN A 124 -16.56 -25.87 -16.28
C ASN A 124 -18.00 -25.84 -16.82
N PHE A 125 -18.91 -26.49 -16.11
CA PHE A 125 -20.27 -26.62 -16.59
C PHE A 125 -21.31 -26.34 -15.51
N LEU A 126 -22.37 -25.62 -15.88
CA LEU A 126 -23.51 -25.48 -15.01
C LEU A 126 -24.38 -26.72 -15.10
N LEU A 127 -24.62 -27.36 -13.97
CA LEU A 127 -25.51 -28.50 -13.92
C LEU A 127 -26.90 -28.02 -13.53
N GLU A 128 -27.79 -27.93 -14.52
CA GLU A 128 -29.08 -27.28 -14.33
C GLU A 128 -30.20 -28.21 -13.84
N SER A 129 -29.95 -29.51 -13.84
CA SER A 129 -30.98 -30.45 -13.40
C SER A 129 -30.40 -31.43 -12.41
N GLU A 130 -31.29 -32.19 -11.76
CA GLU A 130 -30.90 -33.15 -10.74
C GLU A 130 -30.25 -34.38 -11.36
N ASP A 131 -30.64 -34.68 -12.60
CA ASP A 131 -30.07 -35.81 -13.32
C ASP A 131 -28.58 -35.59 -13.60
N GLU A 132 -28.23 -34.36 -13.96
CA GLU A 132 -26.85 -34.00 -14.24
C GLU A 132 -25.98 -34.11 -12.99
N ILE A 133 -26.54 -33.75 -11.84
CA ILE A 133 -25.83 -33.88 -10.56
C ILE A 133 -25.64 -35.34 -10.17
N LEU A 134 -26.72 -36.12 -10.27
CA LEU A 134 -26.65 -37.54 -9.95
C LEU A 134 -25.70 -38.27 -10.89
N ALA A 135 -25.55 -37.75 -12.09
CA ALA A 135 -24.64 -38.32 -13.08
C ALA A 135 -23.18 -38.18 -12.65
N LYS A 136 -22.86 -37.05 -12.03
CA LYS A 136 -21.50 -36.78 -11.58
C LYS A 136 -21.26 -37.34 -10.18
N ALA A 137 -22.32 -37.42 -9.37
CA ALA A 137 -22.21 -37.94 -8.01
C ALA A 137 -23.35 -38.90 -7.69
N PRO A 138 -23.22 -40.17 -8.08
CA PRO A 138 -24.29 -41.18 -7.97
C PRO A 138 -24.69 -41.55 -6.54
N HIS A 139 -23.92 -41.13 -5.54
CA HIS A 139 -24.20 -41.47 -4.15
C HIS A 139 -25.38 -40.67 -3.59
N PHE A 140 -25.66 -39.53 -4.20
CA PHE A 140 -26.82 -38.73 -3.79
C PHE A 140 -28.10 -39.44 -4.14
N THR A 141 -29.15 -39.17 -3.38
CA THR A 141 -30.49 -39.60 -3.75
C THR A 141 -31.19 -38.37 -4.31
N ARG A 142 -32.17 -38.59 -5.19
CA ARG A 142 -32.83 -37.47 -5.87
C ARG A 142 -33.64 -36.62 -4.89
N GLU A 143 -34.22 -37.27 -3.89
CA GLU A 143 -35.04 -36.60 -2.89
C GLU A 143 -34.12 -35.71 -2.02
N GLN A 144 -32.87 -36.13 -1.89
CA GLN A 144 -31.87 -35.39 -1.14
C GLN A 144 -31.47 -34.09 -1.85
N ILE A 145 -31.47 -34.12 -3.18
CA ILE A 145 -30.94 -33.00 -3.95
C ILE A 145 -31.96 -32.23 -4.78
N LYS A 146 -33.23 -32.21 -4.37
CA LYS A 146 -34.21 -31.49 -5.17
C LYS A 146 -34.01 -30.00 -5.01
N GLY A 147 -34.01 -29.30 -6.14
CA GLY A 147 -33.78 -27.87 -6.15
C GLY A 147 -32.32 -27.50 -6.30
N TRP A 148 -31.44 -28.50 -6.21
CA TRP A 148 -30.00 -28.26 -6.31
C TRP A 148 -29.56 -27.93 -7.72
N LYS A 149 -28.70 -26.93 -7.85
CA LYS A 149 -27.98 -26.68 -9.09
C LYS A 149 -26.49 -26.83 -8.78
N GLY A 150 -25.67 -27.03 -9.82
CA GLY A 150 -24.25 -27.25 -9.60
C GLY A 150 -23.34 -26.57 -10.60
N LEU A 151 -22.15 -26.16 -10.12
CA LEU A 151 -21.09 -25.68 -11.01
C LEU A 151 -19.94 -26.66 -10.96
N PHE A 152 -19.81 -27.47 -12.01
CA PHE A 152 -18.83 -28.55 -12.04
C PHE A 152 -17.51 -28.15 -12.72
N CYS A 153 -16.42 -28.24 -11.97
CA CYS A 153 -15.10 -27.96 -12.52
C CYS A 153 -14.33 -29.26 -12.76
N GLY A 154 -14.07 -29.56 -14.02
CA GLY A 154 -13.35 -30.78 -14.40
C GLY A 154 -11.87 -30.79 -14.06
N ASP A 155 -11.31 -29.62 -13.76
CA ASP A 155 -9.92 -29.55 -13.32
C ASP A 155 -9.83 -29.78 -11.81
N GLY A 156 -10.99 -29.90 -11.16
CA GLY A 156 -11.02 -30.03 -9.73
C GLY A 156 -10.73 -31.43 -9.23
N GLY A 157 -10.71 -31.58 -7.91
CA GLY A 157 -10.46 -32.87 -7.29
C GLY A 157 -9.93 -32.65 -5.89
N TRP A 158 -9.14 -33.61 -5.38
CA TRP A 158 -8.53 -33.42 -4.06
C TRP A 158 -7.04 -33.80 -4.02
N LEU A 159 -6.38 -33.38 -2.96
CA LEU A 159 -4.92 -33.51 -2.82
C LEU A 159 -4.51 -34.24 -1.54
N ALA A 160 -3.65 -35.25 -1.66
CA ALA A 160 -3.09 -35.88 -0.49
C ALA A 160 -2.10 -34.92 0.17
N ALA A 161 -2.63 -34.02 1.01
CA ALA A 161 -1.90 -32.85 1.47
C ALA A 161 -0.61 -33.18 2.23
N ALA A 162 -0.72 -33.92 3.33
CA ALA A 162 0.44 -34.22 4.16
C ALA A 162 1.49 -35.02 3.40
N LYS A 163 1.04 -36.01 2.62
CA LYS A 163 1.94 -36.83 1.83
C LYS A 163 2.75 -36.02 0.81
N ALA A 164 2.12 -34.98 0.25
CA ALA A 164 2.78 -34.14 -0.74
C ALA A 164 3.91 -33.31 -0.15
N ILE A 165 3.64 -32.64 0.97
CA ILE A 165 4.65 -31.86 1.67
C ILE A 165 5.79 -32.79 2.07
N ASN A 166 5.43 -33.95 2.59
CA ASN A 166 6.39 -34.98 2.94
C ASN A 166 7.27 -35.38 1.75
N ALA A 167 6.68 -35.37 0.56
CA ALA A 167 7.44 -35.69 -0.65
C ALA A 167 8.52 -34.64 -0.91
N ILE A 168 8.18 -33.38 -0.69
CA ILE A 168 9.16 -32.31 -0.83
C ILE A 168 10.24 -32.46 0.22
N GLY A 169 9.82 -32.70 1.45
CA GLY A 169 10.74 -32.82 2.57
C GLY A 169 11.79 -33.89 2.37
N GLN A 170 11.36 -35.06 1.90
CA GLN A 170 12.29 -36.15 1.69
C GLN A 170 13.23 -35.84 0.53
N PHE A 171 12.72 -35.11 -0.46
CA PHE A 171 13.56 -34.67 -1.57
C PHE A 171 14.61 -33.68 -1.08
N LEU A 172 14.19 -32.73 -0.25
CA LEU A 172 15.10 -31.73 0.32
C LEU A 172 16.23 -32.42 1.08
N LYS A 173 15.90 -33.52 1.77
CA LYS A 173 16.90 -34.19 2.57
C LYS A 173 17.89 -34.98 1.72
N GLU A 174 17.41 -35.57 0.63
CA GLU A 174 18.30 -36.33 -0.26
C GLU A 174 19.29 -35.43 -0.95
N GLN A 175 18.87 -34.18 -1.20
CA GLN A 175 19.71 -33.21 -1.88
C GLN A 175 20.73 -32.59 -0.94
N GLY A 176 20.42 -32.59 0.36
CA GLY A 176 21.33 -32.08 1.35
C GLY A 176 20.95 -30.72 1.92
N VAL A 177 19.66 -30.39 1.87
CA VAL A 177 19.20 -29.15 2.50
C VAL A 177 19.41 -29.29 4.00
N LYS A 178 19.86 -28.23 4.65
CA LYS A 178 20.08 -28.28 6.09
C LYS A 178 18.77 -28.01 6.84
N PHE A 179 18.64 -28.57 8.04
CA PHE A 179 17.40 -28.49 8.80
C PHE A 179 17.63 -28.05 10.23
N GLY A 180 16.63 -27.38 10.80
CA GLY A 180 16.62 -27.03 12.20
C GLY A 180 15.22 -27.20 12.75
N PHE A 181 15.06 -28.12 13.71
CA PHE A 181 13.73 -28.42 14.25
C PHE A 181 13.66 -28.25 15.76
N GLY A 182 12.44 -28.14 16.27
CA GLY A 182 12.22 -27.95 17.70
C GLY A 182 12.59 -26.54 18.11
N GLU A 183 13.21 -26.39 19.27
CA GLU A 183 13.67 -25.08 19.71
C GLU A 183 14.77 -24.57 18.79
N ALA A 184 15.52 -25.49 18.21
CA ALA A 184 16.58 -25.13 17.28
C ALA A 184 16.01 -24.67 15.95
N GLY A 185 14.70 -24.80 15.78
CA GLY A 185 14.05 -24.41 14.55
C GLY A 185 12.90 -23.43 14.71
N THR A 186 12.68 -22.98 15.94
CA THR A 186 11.61 -22.04 16.21
C THR A 186 12.10 -20.59 16.17
N PHE A 187 11.69 -19.84 15.14
CA PHE A 187 12.06 -18.45 14.95
C PHE A 187 11.72 -17.58 16.17
N LYS A 188 12.62 -16.68 16.52
CA LYS A 188 12.37 -15.73 17.62
C LYS A 188 12.50 -14.31 17.10
N LYS A 189 13.57 -14.04 16.36
CA LYS A 189 13.83 -12.71 15.85
C LYS A 189 14.84 -12.74 14.70
N PRO A 190 14.85 -11.68 13.88
CA PRO A 190 15.87 -11.56 12.84
C PRO A 190 17.20 -11.07 13.42
N LEU A 191 18.29 -11.25 12.69
CA LEU A 191 19.58 -10.72 13.07
C LEU A 191 19.96 -9.65 12.07
N PHE A 192 20.60 -8.59 12.55
CA PHE A 192 21.00 -7.51 11.67
C PHE A 192 22.48 -7.21 11.81
N ALA A 193 23.06 -6.70 10.74
CA ALA A 193 24.45 -6.29 10.75
C ALA A 193 24.56 -4.94 11.44
N ASP A 194 23.51 -4.14 11.30
CA ASP A 194 23.50 -2.77 11.79
C ASP A 194 22.47 -2.58 12.91
N ALA A 195 22.69 -1.55 13.72
CA ALA A 195 21.80 -1.23 14.83
C ALA A 195 20.49 -0.65 14.29
N ASP A 196 20.58 0.02 13.14
CA ASP A 196 19.40 0.60 12.49
C ASP A 196 18.47 -0.47 11.90
N GLU A 197 18.93 -1.72 11.92
CA GLU A 197 18.15 -2.87 11.45
C GLU A 197 17.63 -2.63 10.04
N LYS A 198 18.53 -2.29 9.12
CA LYS A 198 18.16 -2.11 7.73
C LYS A 198 18.75 -3.23 6.88
N THR A 199 19.55 -4.08 7.51
CA THR A 199 20.15 -5.21 6.81
C THR A 199 20.02 -6.48 7.63
N CYS A 200 19.12 -7.36 7.22
CA CYS A 200 18.95 -8.65 7.86
C CYS A 200 20.00 -9.60 7.32
N ILE A 201 20.67 -10.32 8.21
CA ILE A 201 21.73 -11.23 7.79
C ILE A 201 21.57 -12.60 8.44
N GLY A 202 20.38 -12.86 8.95
CA GLY A 202 20.08 -14.15 9.54
C GLY A 202 18.98 -14.12 10.58
N VAL A 203 18.79 -15.24 11.28
CA VAL A 203 17.76 -15.33 12.32
C VAL A 203 18.33 -15.99 13.58
N GLU A 204 17.63 -15.77 14.70
CA GLU A 204 17.96 -16.46 15.94
C GLU A 204 16.74 -17.21 16.45
N THR A 205 16.93 -18.49 16.76
CA THR A 205 15.85 -19.31 17.26
C THR A 205 15.76 -19.23 18.79
N VAL A 206 14.72 -19.82 19.36
CA VAL A 206 14.38 -19.59 20.78
C VAL A 206 15.38 -20.21 21.75
N ASP A 207 16.13 -21.21 21.30
CA ASP A 207 17.12 -21.86 22.15
C ASP A 207 18.44 -21.10 22.09
N GLY A 208 18.45 -20.04 21.29
CA GLY A 208 19.62 -19.18 21.18
C GLY A 208 20.44 -19.37 19.92
N THR A 209 20.18 -20.45 19.17
CA THR A 209 20.95 -20.73 17.97
C THR A 209 20.84 -19.58 16.97
N LYS A 210 21.96 -19.16 16.41
CA LYS A 210 21.94 -18.10 15.41
C LYS A 210 22.36 -18.67 14.05
N TYR A 211 21.53 -18.41 13.04
CA TYR A 211 21.80 -18.84 11.67
C TYR A 211 22.03 -17.63 10.78
N TYR A 212 23.07 -17.68 9.95
CA TYR A 212 23.41 -16.57 9.08
C TYR A 212 23.22 -16.93 7.61
N ALA A 213 22.59 -16.02 6.88
CA ALA A 213 22.31 -16.23 5.46
C ALA A 213 22.25 -14.90 4.71
N ASP A 214 22.26 -14.98 3.38
CA ASP A 214 22.14 -13.79 2.56
C ASP A 214 20.71 -13.28 2.52
N LYS A 215 19.75 -14.21 2.54
CA LYS A 215 18.34 -13.87 2.54
C LYS A 215 17.55 -14.77 3.48
N VAL A 216 16.51 -14.21 4.07
CA VAL A 216 15.63 -14.95 4.96
C VAL A 216 14.20 -14.91 4.43
N VAL A 217 13.55 -16.06 4.32
CA VAL A 217 12.15 -16.13 3.92
C VAL A 217 11.28 -16.57 5.08
N LEU A 218 10.31 -15.72 5.44
CA LEU A 218 9.40 -16.03 6.53
C LEU A 218 8.10 -16.64 6.01
N ALA A 219 8.05 -17.96 5.95
CA ALA A 219 6.85 -18.65 5.48
C ALA A 219 6.21 -19.39 6.65
N ALA A 220 5.83 -18.63 7.68
CA ALA A 220 5.33 -19.20 8.93
C ALA A 220 3.81 -19.15 9.06
N GLY A 221 3.11 -19.06 7.93
CA GLY A 221 1.67 -19.10 7.90
C GLY A 221 0.95 -18.26 8.94
N ALA A 222 0.11 -18.92 9.72
CA ALA A 222 -0.73 -18.24 10.71
C ALA A 222 0.11 -17.66 11.85
N TRP A 223 1.39 -18.01 11.88
CA TRP A 223 2.27 -17.57 12.96
C TRP A 223 3.13 -16.37 12.55
N SER A 224 3.18 -16.07 11.25
CA SER A 224 3.93 -14.93 10.75
C SER A 224 3.50 -13.61 11.41
N SER A 225 2.20 -13.39 11.52
CA SER A 225 1.69 -12.15 12.08
C SER A 225 2.04 -12.01 13.56
N THR A 226 2.40 -13.13 14.19
CA THR A 226 2.76 -13.12 15.61
C THR A 226 4.26 -13.04 15.82
N LEU A 227 5.03 -13.43 14.82
CA LEU A 227 6.49 -13.46 14.92
C LEU A 227 7.11 -12.10 14.61
N VAL A 228 6.59 -11.44 13.59
CA VAL A 228 7.03 -10.09 13.24
C VAL A 228 5.82 -9.19 13.01
N ASP A 229 5.98 -7.89 13.25
CA ASP A 229 4.86 -6.96 13.12
C ASP A 229 4.45 -6.80 11.67
N LEU A 230 3.29 -7.35 11.31
CA LEU A 230 2.76 -7.19 9.96
C LEU A 230 1.71 -6.09 9.91
N GLU A 231 1.65 -5.30 10.97
CA GLU A 231 0.77 -4.13 11.07
C GLU A 231 -0.66 -4.44 10.61
N GLU A 232 -1.21 -5.53 11.14
CA GLU A 232 -2.60 -5.90 10.97
C GLU A 232 -2.98 -6.27 9.54
N GLN A 233 -1.97 -6.58 8.72
CA GLN A 233 -2.20 -7.03 7.34
C GLN A 233 -2.77 -8.43 7.33
N CYS A 234 -2.31 -9.23 8.27
CA CYS A 234 -2.70 -10.63 8.36
C CYS A 234 -3.31 -10.90 9.72
N VAL A 235 -4.55 -11.39 9.71
CA VAL A 235 -5.25 -11.78 10.92
C VAL A 235 -5.48 -13.29 10.91
N SER A 236 -4.80 -14.00 11.80
CA SER A 236 -4.87 -15.46 11.81
C SER A 236 -6.20 -15.99 12.33
N LYS A 237 -6.78 -16.93 11.60
CA LYS A 237 -8.08 -17.51 11.95
C LYS A 237 -8.04 -19.02 11.84
N ALA A 238 -8.89 -19.68 12.63
CA ALA A 238 -8.97 -21.13 12.62
C ALA A 238 -10.19 -21.64 11.90
N TRP A 239 -10.01 -22.75 11.19
CA TRP A 239 -11.13 -23.47 10.60
C TRP A 239 -11.18 -24.88 11.18
N VAL A 240 -12.30 -25.57 10.99
CA VAL A 240 -12.48 -26.83 11.71
C VAL A 240 -12.74 -27.99 10.77
N PHE A 241 -12.42 -29.19 11.23
CA PHE A 241 -12.77 -30.39 10.50
C PHE A 241 -12.95 -31.56 11.47
N ALA A 242 -13.64 -32.60 11.01
CA ALA A 242 -13.83 -33.81 11.78
C ALA A 242 -13.80 -35.02 10.85
N HIS A 243 -13.66 -36.22 11.41
CA HIS A 243 -13.62 -37.42 10.58
C HIS A 243 -14.68 -38.45 10.98
N ILE A 244 -15.18 -39.18 9.98
CA ILE A 244 -16.02 -40.34 10.23
C ILE A 244 -15.42 -41.55 9.52
N GLN A 245 -15.66 -42.73 10.06
CA GLN A 245 -15.07 -43.96 9.53
C GLN A 245 -16.11 -44.76 8.74
N LEU A 246 -15.76 -45.19 7.53
CA LEU A 246 -16.65 -46.02 6.72
C LEU A 246 -16.10 -47.44 6.57
N THR A 247 -17.01 -48.40 6.41
CA THR A 247 -16.63 -49.76 6.04
C THR A 247 -16.33 -49.81 4.54
N PRO A 248 -15.54 -50.80 4.08
CA PRO A 248 -15.24 -50.91 2.66
C PRO A 248 -16.49 -50.94 1.77
N ALA A 249 -17.58 -51.51 2.28
CA ALA A 249 -18.84 -51.57 1.56
C ALA A 249 -19.47 -50.18 1.42
N GLU A 250 -19.47 -49.42 2.51
CA GLU A 250 -20.05 -48.08 2.52
C GLU A 250 -19.25 -47.10 1.66
N ALA A 251 -17.92 -47.26 1.70
CA ALA A 251 -17.01 -46.34 1.05
C ALA A 251 -16.90 -46.58 -0.46
N ALA A 252 -17.34 -47.75 -0.91
CA ALA A 252 -17.23 -48.09 -2.32
C ALA A 252 -18.13 -47.20 -3.17
N ALA A 253 -19.22 -46.73 -2.57
CA ALA A 253 -20.17 -45.87 -3.28
C ALA A 253 -19.63 -44.46 -3.47
N TYR A 254 -18.49 -44.17 -2.84
CA TYR A 254 -17.90 -42.83 -2.93
C TYR A 254 -16.56 -42.85 -3.66
N LYS A 255 -16.15 -44.02 -4.13
CA LYS A 255 -14.87 -44.18 -4.81
C LYS A 255 -14.80 -43.27 -6.03
N ASN A 256 -13.75 -42.46 -6.09
CA ASN A 256 -13.51 -41.53 -7.20
C ASN A 256 -14.66 -40.56 -7.48
N THR A 257 -15.39 -40.19 -6.44
CA THR A 257 -16.49 -39.24 -6.58
C THR A 257 -15.95 -37.81 -6.47
N PRO A 258 -16.55 -36.86 -7.23
CA PRO A 258 -16.19 -35.45 -7.17
C PRO A 258 -16.37 -34.83 -5.79
N VAL A 259 -15.55 -33.83 -5.47
CA VAL A 259 -15.66 -33.10 -4.22
C VAL A 259 -16.87 -32.18 -4.23
N ILE A 260 -17.74 -32.35 -3.25
CA ILE A 260 -18.97 -31.56 -3.20
C ILE A 260 -18.88 -30.44 -2.18
N TYR A 261 -19.19 -29.23 -2.62
CA TYR A 261 -19.11 -28.05 -1.76
C TYR A 261 -20.36 -27.17 -1.88
N ASP A 262 -20.88 -26.75 -0.73
CA ASP A 262 -21.99 -25.79 -0.69
C ASP A 262 -21.61 -24.70 0.29
N GLY A 263 -21.56 -23.46 -0.19
CA GLY A 263 -21.11 -22.33 0.63
C GLY A 263 -21.88 -22.11 1.92
N ASP A 264 -23.07 -22.67 2.00
CA ASP A 264 -23.92 -22.55 3.19
C ASP A 264 -23.78 -23.73 4.16
N TYR A 265 -22.94 -24.70 3.83
CA TYR A 265 -22.83 -25.92 4.64
C TYR A 265 -21.40 -26.37 4.89
N GLY A 266 -20.58 -26.31 3.85
CA GLY A 266 -19.23 -26.84 3.91
C GLY A 266 -18.98 -27.85 2.80
N PHE A 267 -18.21 -28.89 3.11
CA PHE A 267 -17.88 -29.91 2.12
C PHE A 267 -17.42 -31.21 2.78
N PHE A 268 -17.28 -32.25 1.99
CA PHE A 268 -16.60 -33.46 2.41
C PHE A 268 -15.73 -33.95 1.26
N ILE A 269 -14.72 -34.74 1.57
CA ILE A 269 -13.88 -35.31 0.54
C ILE A 269 -14.01 -36.84 0.58
N GLU A 270 -13.97 -37.48 -0.58
CA GLU A 270 -14.12 -38.93 -0.69
C GLU A 270 -13.20 -39.66 0.29
N PRO A 271 -13.62 -40.83 0.77
CA PRO A 271 -12.85 -41.57 1.78
C PRO A 271 -11.46 -41.95 1.28
N ASP A 272 -10.47 -41.87 2.16
CA ASP A 272 -9.11 -42.28 1.81
C ASP A 272 -9.00 -43.80 1.83
N GLU A 273 -7.78 -44.32 1.74
CA GLU A 273 -7.56 -45.75 1.67
C GLU A 273 -7.97 -46.49 2.95
N ASN A 274 -8.21 -45.72 4.01
CA ASN A 274 -8.63 -46.30 5.29
C ASN A 274 -10.11 -46.06 5.55
N GLY A 275 -10.82 -45.54 4.56
CA GLY A 275 -12.25 -45.31 4.66
C GLY A 275 -12.65 -44.08 5.46
N ILE A 276 -11.70 -43.19 5.67
CA ILE A 276 -11.92 -41.99 6.48
C ILE A 276 -12.42 -40.82 5.63
N ILE A 277 -13.59 -40.29 5.99
CA ILE A 277 -14.12 -39.10 5.32
C ILE A 277 -13.90 -37.84 6.16
N LYS A 278 -13.19 -36.86 5.59
CA LYS A 278 -13.04 -35.57 6.25
C LYS A 278 -14.24 -34.68 5.94
N VAL A 279 -14.76 -34.01 6.96
CA VAL A 279 -15.89 -33.10 6.76
C VAL A 279 -15.56 -31.71 7.31
N CYS A 280 -15.91 -30.67 6.55
CA CYS A 280 -15.74 -29.28 6.99
C CYS A 280 -17.04 -28.47 6.89
N ASP A 281 -17.19 -27.48 7.76
CA ASP A 281 -18.26 -26.50 7.61
C ASP A 281 -17.71 -25.31 6.83
N GLU A 282 -18.55 -24.33 6.54
CA GLU A 282 -18.02 -23.05 6.07
C GLU A 282 -18.53 -21.96 6.98
N PHE A 283 -17.62 -21.07 7.37
CA PHE A 283 -17.89 -20.02 8.31
C PHE A 283 -16.69 -19.06 8.25
N PRO A 284 -16.83 -17.84 8.79
CA PRO A 284 -15.78 -16.83 8.59
C PRO A 284 -14.50 -17.05 9.40
N GLY A 285 -14.41 -18.16 10.13
CA GLY A 285 -13.23 -18.48 10.90
C GLY A 285 -13.29 -18.05 12.36
N PHE A 286 -12.34 -18.55 13.14
CA PHE A 286 -12.21 -18.20 14.56
C PHE A 286 -10.86 -17.57 14.87
N THR A 287 -10.87 -16.42 15.52
CA THR A 287 -9.62 -15.82 15.97
C THR A 287 -9.27 -16.28 17.39
N HIS A 288 -8.10 -15.87 17.85
CA HIS A 288 -7.69 -16.13 19.22
C HIS A 288 -6.79 -14.99 19.69
N PHE A 289 -7.41 -13.84 19.94
CA PHE A 289 -6.67 -12.64 20.27
C PHE A 289 -6.04 -12.74 21.66
N LYS A 290 -4.78 -12.35 21.72
CA LYS A 290 -4.02 -12.27 22.96
C LYS A 290 -3.11 -11.07 22.87
N MET A 291 -2.60 -10.61 24.01
CA MET A 291 -1.56 -9.60 23.99
C MET A 291 -0.23 -10.23 23.63
N HIS A 292 0.38 -9.74 22.57
CA HIS A 292 1.63 -10.28 22.08
C HIS A 292 2.45 -9.15 21.51
N GLN A 293 3.78 -9.29 21.51
CA GLN A 293 4.63 -8.26 20.93
C GLN A 293 5.56 -8.86 19.90
N PRO A 294 5.08 -9.00 18.66
CA PRO A 294 5.91 -9.48 17.56
C PRO A 294 7.10 -8.56 17.33
N TYR A 295 8.19 -9.11 16.82
CA TYR A 295 9.41 -8.33 16.63
C TYR A 295 9.15 -7.16 15.68
N GLY A 296 9.61 -5.97 16.09
CA GLY A 296 9.43 -4.79 15.27
C GLY A 296 8.29 -3.91 15.73
N SER A 297 7.46 -4.44 16.61
CA SER A 297 6.38 -3.67 17.21
C SER A 297 6.89 -3.01 18.48
N PRO A 298 6.67 -1.69 18.60
CA PRO A 298 7.17 -0.92 19.75
C PRO A 298 6.41 -1.24 21.04
N VAL A 299 5.16 -1.69 20.93
CA VAL A 299 4.36 -2.04 22.11
C VAL A 299 3.59 -3.34 21.86
N PRO A 300 3.23 -4.05 22.93
CA PRO A 300 2.36 -5.23 22.80
C PRO A 300 0.99 -4.85 22.21
N LYS A 301 0.57 -5.63 21.21
CA LYS A 301 -0.70 -5.41 20.52
C LYS A 301 -1.67 -6.54 20.78
N LEU A 302 -2.95 -6.33 20.46
CA LEU A 302 -3.88 -7.45 20.34
C LEU A 302 -3.64 -8.14 19.00
N ILE A 303 -3.29 -9.43 19.07
CA ILE A 303 -2.93 -10.18 17.86
C ILE A 303 -3.52 -11.57 17.93
N SER A 304 -4.14 -12.01 16.84
CA SER A 304 -4.72 -13.33 16.82
C SER A 304 -3.61 -14.38 16.75
N VAL A 305 -3.43 -15.07 17.87
CA VAL A 305 -2.36 -16.03 18.05
C VAL A 305 -2.89 -17.46 17.99
N PRO A 306 -2.40 -18.26 17.03
CA PRO A 306 -2.82 -19.64 16.83
C PRO A 306 -2.74 -20.49 18.11
N ARG A 307 -3.86 -21.16 18.41
CA ARG A 307 -3.92 -22.18 19.45
C ARG A 307 -3.60 -23.53 18.78
N SER A 308 -2.32 -23.88 18.76
CA SER A 308 -1.84 -24.98 17.93
C SER A 308 -2.30 -26.34 18.44
N HIS A 309 -3.04 -27.06 17.61
CA HIS A 309 -3.52 -28.40 17.98
C HIS A 309 -2.35 -29.34 18.22
N ALA A 310 -1.24 -29.07 17.55
CA ALA A 310 -0.04 -29.89 17.71
C ALA A 310 0.51 -29.73 19.12
N LYS A 311 0.45 -28.51 19.64
CA LYS A 311 0.96 -28.24 20.98
C LYS A 311 -0.06 -28.65 22.04
N HIS A 312 -1.32 -28.67 21.64
CA HIS A 312 -2.41 -29.04 22.55
C HIS A 312 -3.32 -30.07 21.89
N PRO A 313 -2.89 -31.33 21.82
CA PRO A 313 -3.63 -32.37 21.08
C PRO A 313 -5.00 -32.67 21.70
N THR A 314 -5.19 -32.30 22.95
CA THR A 314 -6.44 -32.53 23.65
C THR A 314 -7.50 -31.52 23.21
N ASP A 315 -7.06 -30.47 22.51
CA ASP A 315 -7.97 -29.49 21.94
C ASP A 315 -8.84 -30.15 20.90
N THR A 316 -10.05 -29.62 20.71
CA THR A 316 -10.89 -30.01 19.59
C THR A 316 -11.35 -28.74 18.85
N TYR A 317 -12.61 -28.37 19.01
CA TYR A 317 -13.13 -27.13 18.42
C TYR A 317 -14.39 -26.71 19.19
N PRO A 318 -14.85 -25.44 19.02
CA PRO A 318 -16.01 -24.96 19.78
C PRO A 318 -17.28 -25.81 19.61
N HIS A 319 -18.17 -25.74 20.59
CA HIS A 319 -19.43 -26.46 20.54
C HIS A 319 -20.21 -26.10 19.27
N ALA A 320 -20.19 -24.82 18.92
CA ALA A 320 -20.89 -24.32 17.76
C ALA A 320 -20.44 -25.03 16.48
N SER A 321 -19.16 -25.36 16.40
CA SER A 321 -18.60 -26.00 15.21
C SER A 321 -19.09 -27.44 15.06
N GLU A 322 -19.32 -28.09 16.19
CA GLU A 322 -19.86 -29.44 16.20
C GLU A 322 -21.24 -29.48 15.54
N VAL A 323 -22.04 -28.45 15.75
CA VAL A 323 -23.37 -28.40 15.15
C VAL A 323 -23.28 -28.23 13.64
N THR A 324 -22.50 -27.27 13.18
CA THR A 324 -22.38 -26.97 11.75
C THR A 324 -21.71 -28.10 10.98
N ILE A 325 -20.76 -28.79 11.60
CA ILE A 325 -20.14 -29.93 10.95
C ILE A 325 -21.17 -31.05 10.77
N LYS A 326 -21.94 -31.33 11.83
CA LYS A 326 -22.99 -32.35 11.74
C LYS A 326 -24.07 -31.93 10.75
N LYS A 327 -24.32 -30.62 10.68
CA LYS A 327 -25.29 -30.08 9.73
C LYS A 327 -24.82 -30.39 8.31
N ALA A 328 -23.51 -30.23 8.08
CA ALA A 328 -22.90 -30.55 6.80
C ALA A 328 -22.98 -32.05 6.50
N ILE A 329 -22.75 -32.86 7.53
CA ILE A 329 -22.84 -34.32 7.39
C ILE A 329 -24.24 -34.71 6.99
N ASN A 330 -25.25 -34.13 7.64
CA ASN A 330 -26.65 -34.38 7.30
C ASN A 330 -27.02 -33.94 5.89
N ARG A 331 -26.48 -32.80 5.46
CA ARG A 331 -26.77 -32.25 4.15
C ARG A 331 -26.21 -33.11 3.03
N PHE A 332 -25.01 -33.63 3.21
CA PHE A 332 -24.29 -34.37 2.16
C PHE A 332 -24.34 -35.87 2.35
N LEU A 333 -24.16 -36.31 3.59
CA LEU A 333 -24.07 -37.73 3.89
C LEU A 333 -25.08 -38.14 4.96
N PRO A 334 -26.38 -37.99 4.65
CA PRO A 334 -27.38 -38.23 5.68
C PRO A 334 -27.39 -39.67 6.17
N ARG A 335 -26.93 -40.60 5.33
CA ARG A 335 -26.90 -42.01 5.67
C ARG A 335 -25.88 -42.33 6.78
N PHE A 336 -25.04 -41.36 7.10
CA PHE A 336 -23.96 -41.54 8.08
C PHE A 336 -24.12 -40.62 9.29
N ASN A 337 -25.35 -40.23 9.59
CA ASN A 337 -25.60 -39.31 10.69
C ASN A 337 -25.31 -39.92 12.06
N ASP A 338 -25.36 -41.25 12.14
CA ASP A 338 -25.08 -41.94 13.40
C ASP A 338 -23.63 -42.40 13.50
N LYS A 339 -22.81 -42.06 12.50
CA LYS A 339 -21.39 -42.33 12.57
C LYS A 339 -20.75 -41.42 13.61
N GLU A 340 -20.01 -41.98 14.54
CA GLU A 340 -19.38 -41.17 15.57
C GLU A 340 -18.20 -40.38 14.97
N LEU A 341 -18.12 -39.10 15.34
CA LEU A 341 -17.06 -38.23 14.83
C LEU A 341 -15.78 -38.41 15.66
N PHE A 342 -14.63 -38.29 15.01
CA PHE A 342 -13.35 -38.37 15.70
C PHE A 342 -12.31 -37.51 15.02
N ASN A 343 -11.14 -37.39 15.66
CA ASN A 343 -10.05 -36.53 15.20
C ASN A 343 -10.53 -35.12 14.90
N ARG A 344 -11.37 -34.59 15.78
CA ARG A 344 -11.78 -33.20 15.73
C ARG A 344 -10.56 -32.33 15.98
N ALA A 345 -10.43 -31.24 15.24
CA ALA A 345 -9.26 -30.37 15.40
C ALA A 345 -9.44 -29.01 14.72
N MET A 346 -8.75 -28.01 15.26
CA MET A 346 -8.70 -26.70 14.61
C MET A 346 -7.45 -26.59 13.74
N CYS A 347 -7.61 -25.92 12.60
CA CYS A 347 -6.55 -25.76 11.62
C CYS A 347 -6.43 -24.28 11.27
N TRP A 348 -5.22 -23.74 11.27
CA TRP A 348 -5.02 -22.29 11.20
C TRP A 348 -4.52 -21.73 9.87
N CYS A 349 -5.14 -20.63 9.45
CA CYS A 349 -4.67 -19.85 8.31
C CYS A 349 -4.49 -18.41 8.73
N THR A 350 -4.03 -17.57 7.81
CA THR A 350 -3.95 -16.13 8.07
C THR A 350 -4.57 -15.37 6.89
N ASP A 351 -5.57 -14.54 7.19
CA ASP A 351 -6.29 -13.79 6.17
C ASP A 351 -5.70 -12.41 5.96
N THR A 352 -5.62 -12.00 4.70
CA THR A 352 -5.37 -10.61 4.37
C THR A 352 -6.71 -9.95 4.08
N ALA A 353 -6.72 -8.64 3.84
CA ALA A 353 -7.97 -7.92 3.61
C ALA A 353 -8.66 -8.34 2.32
N ASP A 354 -7.85 -8.62 1.30
CA ASP A 354 -8.38 -8.90 -0.03
C ASP A 354 -8.16 -10.35 -0.45
N ALA A 355 -7.74 -11.18 0.50
CA ALA A 355 -7.50 -12.60 0.27
C ALA A 355 -6.41 -12.84 -0.76
N ASN A 356 -5.61 -11.80 -0.98
CA ASN A 356 -4.41 -11.93 -1.80
C ASN A 356 -3.24 -12.28 -0.89
N LEU A 357 -2.23 -12.94 -1.45
CA LEU A 357 -1.06 -13.32 -0.66
C LEU A 357 -0.28 -12.10 -0.19
N LEU A 358 0.58 -12.30 0.80
CA LEU A 358 1.55 -11.28 1.19
C LEU A 358 2.95 -11.81 0.88
N VAL A 359 3.43 -11.50 -0.32
CA VAL A 359 4.72 -11.99 -0.78
C VAL A 359 5.52 -10.82 -1.31
N CYS A 360 6.46 -10.36 -0.49
CA CYS A 360 7.20 -9.13 -0.74
C CYS A 360 8.45 -9.09 0.11
N GLU A 361 9.38 -8.21 -0.23
CA GLU A 361 10.50 -7.96 0.67
C GLU A 361 10.02 -7.05 1.79
N HIS A 362 10.52 -7.27 3.00
CA HIS A 362 10.21 -6.40 4.12
C HIS A 362 10.59 -4.97 3.77
N PRO A 363 9.75 -4.01 4.17
CA PRO A 363 10.00 -2.62 3.76
C PRO A 363 11.26 -2.01 4.38
N ARG A 364 11.68 -2.46 5.56
CA ARG A 364 12.88 -1.88 6.18
C ARG A 364 14.01 -2.90 6.31
N TRP A 365 13.66 -4.14 6.69
CA TRP A 365 14.68 -5.18 6.88
C TRP A 365 15.11 -5.81 5.57
N LYS A 366 16.02 -5.14 4.85
CA LYS A 366 16.48 -5.65 3.57
C LYS A 366 17.14 -7.02 3.73
N GLY A 367 16.65 -7.98 2.95
CA GLY A 367 17.10 -9.35 3.03
C GLY A 367 16.08 -10.23 3.74
N PHE A 368 15.12 -9.61 4.41
CA PHE A 368 14.03 -10.33 5.07
C PHE A 368 12.79 -10.27 4.17
N TYR A 369 12.29 -11.43 3.78
CA TYR A 369 11.16 -11.51 2.86
C TYR A 369 9.95 -12.19 3.50
N LEU A 370 8.76 -11.65 3.25
CA LEU A 370 7.53 -12.28 3.72
C LEU A 370 6.95 -13.20 2.64
N ALA A 371 6.58 -14.41 3.04
CA ALA A 371 5.87 -15.34 2.15
C ALA A 371 4.69 -15.96 2.90
N THR A 372 3.61 -15.21 3.02
CA THR A 372 2.43 -15.70 3.73
C THR A 372 1.17 -14.94 3.29
N GLY A 373 0.14 -14.89 4.13
CA GLY A 373 -1.11 -14.28 3.74
C GLY A 373 -1.92 -15.22 2.87
N ASP A 374 -1.75 -16.52 3.12
CA ASP A 374 -2.38 -17.59 2.37
C ASP A 374 -3.89 -17.48 2.26
N SER A 375 -4.48 -16.78 3.23
CA SER A 375 -5.91 -16.48 3.24
C SER A 375 -6.82 -17.70 3.11
N GLY A 376 -6.33 -18.87 3.52
CA GLY A 376 -7.16 -20.07 3.67
C GLY A 376 -7.71 -20.65 2.38
N HIS A 377 -6.93 -20.52 1.32
CA HIS A 377 -7.24 -20.98 -0.04
C HIS A 377 -5.98 -21.42 -0.80
N SER A 378 -4.86 -21.61 -0.11
CA SER A 378 -3.58 -21.68 -0.82
C SER A 378 -2.85 -23.02 -0.86
N PHE A 379 -3.41 -24.09 -0.30
CA PHE A 379 -2.68 -25.35 -0.38
C PHE A 379 -2.55 -25.82 -1.82
N LYS A 380 -3.57 -25.55 -2.64
CA LYS A 380 -3.55 -25.91 -4.05
C LYS A 380 -2.30 -25.35 -4.76
N LEU A 381 -1.68 -24.32 -4.17
CA LEU A 381 -0.53 -23.66 -4.78
C LEU A 381 0.83 -24.24 -4.36
N LEU A 382 0.80 -25.34 -3.62
CA LEU A 382 2.03 -25.99 -3.18
C LEU A 382 3.04 -26.24 -4.32
N PRO A 383 2.58 -26.69 -5.51
CA PRO A 383 3.62 -26.98 -6.50
C PRO A 383 4.28 -25.75 -7.11
N ASN A 384 3.61 -24.60 -7.11
CA ASN A 384 4.11 -23.47 -7.90
C ASN A 384 4.35 -22.16 -7.13
N ILE A 385 3.85 -22.05 -5.91
CA ILE A 385 4.01 -20.78 -5.18
C ILE A 385 5.49 -20.51 -4.88
N GLY A 386 6.26 -21.58 -4.64
CA GLY A 386 7.67 -21.46 -4.36
C GLY A 386 8.43 -20.91 -5.54
N LYS A 387 7.91 -21.17 -6.73
CA LYS A 387 8.52 -20.69 -7.96
C LYS A 387 8.50 -19.16 -7.98
N HIS A 388 7.41 -18.56 -7.52
CA HIS A 388 7.27 -17.11 -7.56
C HIS A 388 7.90 -16.41 -6.36
N VAL A 389 8.07 -17.12 -5.26
CA VAL A 389 8.79 -16.57 -4.11
C VAL A 389 10.27 -16.42 -4.49
N VAL A 390 10.80 -17.38 -5.24
CA VAL A 390 12.18 -17.31 -5.69
C VAL A 390 12.37 -16.17 -6.69
N GLU A 391 11.40 -16.02 -7.60
CA GLU A 391 11.40 -14.91 -8.54
C GLU A 391 11.46 -13.56 -7.81
N LEU A 392 10.76 -13.47 -6.68
CA LEU A 392 10.79 -12.27 -5.86
C LEU A 392 12.18 -12.05 -5.27
N LEU A 393 12.77 -13.11 -4.74
CA LEU A 393 14.10 -13.03 -4.14
C LEU A 393 15.12 -12.53 -5.14
N GLU A 394 14.90 -12.85 -6.42
CA GLU A 394 15.83 -12.50 -7.48
C GLU A 394 15.38 -11.26 -8.26
N GLY A 395 14.33 -10.61 -7.78
CA GLY A 395 13.80 -9.41 -8.42
C GLY A 395 13.27 -9.61 -9.83
N ARG A 396 12.76 -10.80 -10.11
CA ARG A 396 12.25 -11.16 -11.42
C ARG A 396 10.74 -11.40 -11.38
N LEU A 397 10.07 -10.90 -10.35
CA LEU A 397 8.65 -11.20 -10.17
C LEU A 397 7.77 -10.35 -11.09
N GLU A 398 7.07 -11.05 -11.98
CA GLU A 398 6.04 -10.48 -12.85
C GLU A 398 5.20 -9.48 -12.06
N SER A 399 4.96 -8.30 -12.62
CA SER A 399 4.30 -7.23 -11.88
C SER A 399 2.86 -7.56 -11.42
N VAL A 400 2.14 -8.40 -12.16
CA VAL A 400 0.77 -8.77 -11.77
C VAL A 400 0.75 -9.40 -10.38
N PHE A 401 1.75 -10.24 -10.11
CA PHE A 401 1.89 -10.89 -8.81
C PHE A 401 2.45 -9.90 -7.81
N LYS A 402 3.46 -9.17 -8.25
CA LYS A 402 4.23 -8.31 -7.35
C LYS A 402 3.33 -7.25 -6.72
N ASP A 403 2.53 -6.58 -7.54
CA ASP A 403 1.65 -5.52 -7.05
C ASP A 403 0.53 -6.08 -6.19
N ALA A 404 0.06 -7.29 -6.54
CA ALA A 404 -1.04 -7.91 -5.82
C ALA A 404 -0.58 -8.43 -4.46
N TRP A 405 0.69 -8.77 -4.36
CA TRP A 405 1.26 -9.38 -3.16
C TRP A 405 2.03 -8.40 -2.29
N ARG A 406 2.07 -7.13 -2.71
CA ARG A 406 2.92 -6.11 -2.09
C ARG A 406 2.60 -5.87 -0.62
N TRP A 407 3.56 -5.30 0.08
CA TRP A 407 3.40 -4.80 1.45
C TRP A 407 2.33 -3.70 1.49
N ARG A 408 1.26 -3.93 2.24
CA ARG A 408 0.10 -3.04 2.18
C ARG A 408 -0.67 -2.88 3.48
N PRO A 409 -0.02 -2.36 4.54
CA PRO A 409 -0.81 -2.06 5.73
C PRO A 409 -1.84 -0.95 5.47
N GLY A 410 -3.00 -1.06 6.12
CA GLY A 410 -4.07 -0.08 5.97
C GLY A 410 -4.87 -0.24 4.69
N SER A 411 -4.90 -1.44 4.14
CA SER A 411 -5.56 -1.66 2.86
C SER A 411 -6.89 -2.39 3.03
N GLY A 412 -7.35 -2.52 4.27
CA GLY A 412 -8.64 -3.16 4.54
C GLY A 412 -8.68 -3.91 5.85
N ASP A 413 -9.88 -4.31 6.27
CA ASP A 413 -10.03 -5.04 7.53
C ASP A 413 -9.90 -6.53 7.29
N ALA A 414 -8.76 -7.10 7.72
CA ALA A 414 -8.48 -8.51 7.49
C ALA A 414 -9.28 -9.42 8.41
N LEU A 415 -9.89 -8.83 9.44
CA LEU A 415 -10.70 -9.60 10.38
C LEU A 415 -11.93 -10.13 9.64
N LYS A 416 -12.46 -9.30 8.74
CA LYS A 416 -13.58 -9.69 7.89
C LYS A 416 -13.07 -10.25 6.57
N SER A 417 -12.00 -9.64 6.07
CA SER A 417 -11.40 -10.05 4.80
C SER A 417 -12.47 -10.09 3.72
N ARG A 418 -12.49 -11.18 2.96
CA ARG A 418 -13.50 -11.35 1.92
C ARG A 418 -14.57 -12.35 2.33
N ARG A 419 -14.71 -12.56 3.63
CA ARG A 419 -15.66 -13.55 4.11
C ARG A 419 -16.95 -12.88 4.56
N ALA A 420 -17.88 -13.69 5.08
CA ALA A 420 -19.24 -13.21 5.32
C ALA A 420 -19.32 -12.21 6.46
N ALA A 421 -18.37 -12.29 7.39
CA ALA A 421 -18.41 -11.47 8.60
C ALA A 421 -17.04 -11.40 9.26
N PRO A 422 -16.86 -10.45 10.18
CA PRO A 422 -15.61 -10.48 10.95
C PRO A 422 -15.54 -11.76 11.76
N ALA A 423 -14.38 -12.38 11.85
CA ALA A 423 -14.26 -13.65 12.54
C ALA A 423 -14.52 -13.49 14.04
N LYS A 424 -15.27 -14.42 14.60
CA LYS A 424 -15.49 -14.45 16.03
C LYS A 424 -14.25 -15.03 16.73
N ASP A 425 -14.10 -14.72 18.01
CA ASP A 425 -12.92 -15.14 18.76
C ASP A 425 -13.18 -16.38 19.59
N LEU A 426 -12.18 -17.23 19.70
CA LEU A 426 -12.27 -18.48 20.47
C LEU A 426 -12.68 -18.26 21.92
N ALA A 427 -12.42 -17.07 22.45
CA ALA A 427 -12.73 -16.78 23.84
C ALA A 427 -14.23 -16.72 24.06
N ASP A 428 -14.97 -16.46 22.98
CA ASP A 428 -16.42 -16.31 23.06
C ASP A 428 -17.14 -17.53 22.50
N MET A 429 -16.36 -18.58 22.23
CA MET A 429 -16.89 -19.81 21.66
C MET A 429 -16.42 -21.02 22.47
N PRO A 430 -17.14 -21.36 23.55
CA PRO A 430 -16.67 -22.45 24.42
C PRO A 430 -16.72 -23.82 23.77
N GLY A 431 -15.88 -24.72 24.25
CA GLY A 431 -15.96 -26.12 23.85
C GLY A 431 -14.67 -26.76 23.41
N TRP A 432 -13.70 -25.93 22.98
CA TRP A 432 -12.50 -26.46 22.34
C TRP A 432 -11.43 -26.90 23.33
N ARG A 433 -11.40 -26.29 24.51
CA ARG A 433 -10.44 -26.67 25.52
C ARG A 433 -11.04 -27.84 26.30
N ASN A 434 -10.22 -28.81 26.68
CA ASN A 434 -10.70 -29.95 27.44
C ASN A 434 -9.87 -30.21 28.70
N PRO B 3 -26.89 14.09 1.06
CA PRO B 3 -26.91 15.23 0.13
C PRO B 3 -25.98 16.36 0.58
N ARG B 4 -25.42 17.07 -0.40
CA ARG B 4 -24.34 18.02 -0.13
C ARG B 4 -24.78 19.21 0.71
N ALA B 5 -26.01 19.67 0.48
CA ALA B 5 -26.50 20.88 1.11
C ALA B 5 -26.76 20.69 2.61
N ASN B 6 -26.61 19.46 3.09
CA ASN B 6 -26.78 19.21 4.51
C ASN B 6 -25.61 18.44 5.12
N THR B 7 -24.53 18.29 4.34
CA THR B 7 -23.28 17.70 4.80
C THR B 7 -22.31 18.76 5.32
N LYS B 8 -21.75 18.53 6.50
CA LYS B 8 -20.78 19.46 7.09
C LYS B 8 -19.35 18.94 6.92
N ILE B 9 -18.46 19.81 6.47
CA ILE B 9 -17.04 19.46 6.27
C ILE B 9 -16.11 20.39 7.04
N ILE B 10 -15.14 19.79 7.73
CA ILE B 10 -14.08 20.56 8.37
C ILE B 10 -12.79 20.41 7.59
N VAL B 11 -12.20 21.52 7.15
CA VAL B 11 -10.93 21.46 6.45
C VAL B 11 -9.81 22.02 7.30
N VAL B 12 -9.02 21.13 7.89
CA VAL B 12 -7.85 21.50 8.67
C VAL B 12 -6.72 21.88 7.73
N GLY B 13 -6.15 23.06 7.91
CA GLY B 13 -5.13 23.56 7.00
C GLY B 13 -5.76 24.28 5.83
N GLY B 14 -6.97 24.81 6.05
CA GLY B 14 -7.74 25.45 5.01
C GLY B 14 -7.21 26.80 4.58
N GLY B 15 -6.16 27.27 5.24
CA GLY B 15 -5.54 28.52 4.88
C GLY B 15 -4.33 28.30 4.00
N GLY B 16 -4.08 27.04 3.66
CA GLY B 16 -2.93 26.67 2.85
C GLY B 16 -3.32 26.38 1.42
N THR B 17 -2.43 25.69 0.70
CA THR B 17 -2.65 25.43 -0.72
C THR B 17 -3.77 24.42 -0.91
N MET B 18 -3.51 23.17 -0.57
CA MET B 18 -4.50 22.11 -0.77
C MET B 18 -5.75 22.32 0.08
N GLY B 19 -5.59 22.92 1.27
CA GLY B 19 -6.73 23.24 2.10
C GLY B 19 -7.70 24.21 1.45
N SER B 20 -7.20 25.38 1.06
CA SER B 20 -8.04 26.42 0.46
C SER B 20 -8.64 25.97 -0.87
N SER B 21 -7.88 25.17 -1.61
CA SER B 21 -8.37 24.62 -2.87
C SER B 21 -9.57 23.73 -2.59
N THR B 22 -9.48 22.91 -1.56
CA THR B 22 -10.55 22.01 -1.17
C THR B 22 -11.81 22.76 -0.72
N ALA B 23 -11.63 23.80 0.08
CA ALA B 23 -12.76 24.62 0.53
C ALA B 23 -13.48 25.25 -0.65
N LEU B 24 -12.70 25.73 -1.61
CA LEU B 24 -13.27 26.34 -2.81
C LEU B 24 -14.14 25.36 -3.59
N HIS B 25 -13.63 24.15 -3.80
CA HIS B 25 -14.32 23.17 -4.62
C HIS B 25 -15.46 22.50 -3.87
N LEU B 26 -15.49 22.70 -2.55
CA LEU B 26 -16.66 22.28 -1.79
C LEU B 26 -17.81 23.20 -2.17
N LEU B 27 -17.50 24.48 -2.27
CA LEU B 27 -18.52 25.46 -2.64
C LEU B 27 -19.00 25.22 -4.06
N ARG B 28 -18.06 24.97 -4.96
CA ARG B 28 -18.38 24.78 -6.37
C ARG B 28 -19.16 23.50 -6.64
N ALA B 29 -19.02 22.53 -5.73
CA ALA B 29 -19.70 21.26 -5.89
C ALA B 29 -21.15 21.38 -5.47
N GLY B 30 -21.43 22.34 -4.58
CA GLY B 30 -22.79 22.57 -4.12
C GLY B 30 -23.02 22.39 -2.63
N TYR B 31 -21.94 22.34 -1.86
CA TYR B 31 -22.06 22.31 -0.41
C TYR B 31 -22.47 23.69 0.09
N THR B 32 -23.25 23.72 1.16
CA THR B 32 -23.67 24.97 1.77
C THR B 32 -22.48 25.58 2.52
N PRO B 33 -22.13 26.84 2.19
CA PRO B 33 -20.96 27.52 2.75
C PRO B 33 -20.90 27.50 4.28
N SER B 34 -22.05 27.55 4.93
CA SER B 34 -22.09 27.56 6.40
C SER B 34 -21.82 26.17 6.99
N ASN B 35 -21.84 25.14 6.15
CA ASN B 35 -21.53 23.80 6.64
C ASN B 35 -20.04 23.53 6.57
N ILE B 36 -19.32 24.51 6.03
CA ILE B 36 -17.89 24.37 5.80
C ILE B 36 -17.09 25.23 6.75
N THR B 37 -16.21 24.57 7.50
CA THR B 37 -15.38 25.23 8.51
C THR B 37 -13.89 25.12 8.17
N VAL B 38 -13.24 26.27 8.04
CA VAL B 38 -11.81 26.34 7.75
C VAL B 38 -11.02 26.60 9.03
N LEU B 39 -10.06 25.75 9.35
CA LEU B 39 -9.27 25.97 10.55
C LEU B 39 -7.84 26.06 10.15
N ASP B 40 -7.13 27.04 10.65
CA ASP B 40 -5.72 27.14 10.43
C ASP B 40 -5.13 27.89 11.56
N THR B 41 -3.85 27.70 11.82
CA THR B 41 -3.19 28.39 12.89
C THR B 41 -3.17 29.86 12.60
N TYR B 42 -2.99 30.19 11.33
CA TYR B 42 -2.86 31.55 10.87
C TYR B 42 -3.95 31.86 9.89
N PRO B 43 -4.46 33.06 9.96
CA PRO B 43 -5.54 33.49 9.06
C PRO B 43 -5.14 33.36 7.59
N ILE B 44 -6.12 33.09 6.73
CA ILE B 44 -5.87 32.88 5.31
C ILE B 44 -5.58 34.21 4.60
N PRO B 45 -4.47 34.28 3.83
CA PRO B 45 -3.50 33.22 3.54
C PRO B 45 -2.51 32.97 4.69
N SER B 46 -2.36 31.71 5.08
CA SER B 46 -1.53 31.34 6.22
C SER B 46 -0.09 31.84 6.10
N ALA B 47 0.38 32.47 7.17
CA ALA B 47 1.72 33.04 7.22
C ALA B 47 2.80 31.95 7.19
N GLN B 48 2.41 30.73 7.50
CA GLN B 48 3.36 29.63 7.53
C GLN B 48 3.08 28.63 6.42
N SER B 49 2.16 29.01 5.52
CA SER B 49 1.88 28.18 4.36
C SER B 49 3.04 28.22 3.40
N ALA B 50 3.31 27.09 2.76
CA ALA B 50 4.30 27.04 1.69
C ALA B 50 3.78 27.84 0.51
N GLY B 51 2.49 28.14 0.53
CA GLY B 51 1.88 28.95 -0.50
C GLY B 51 2.06 30.44 -0.27
N TYR B 52 2.45 30.81 0.96
CA TYR B 52 2.67 32.21 1.29
C TYR B 52 4.01 32.71 0.77
N ASP B 53 4.02 33.04 -0.51
CA ASP B 53 5.23 33.41 -1.22
C ASP B 53 4.86 34.42 -2.29
N LEU B 54 5.80 35.30 -2.64
CA LEU B 54 5.60 36.27 -3.71
C LEU B 54 5.21 35.56 -5.00
N ASN B 55 5.89 34.45 -5.27
CA ASN B 55 5.69 33.72 -6.50
C ASN B 55 6.05 32.24 -6.40
N LYS B 56 5.52 31.46 -7.32
CA LYS B 56 5.90 30.08 -7.52
C LYS B 56 6.03 29.84 -9.02
N ILE B 57 6.74 28.80 -9.42
CA ILE B 57 6.87 28.47 -10.83
C ILE B 57 5.70 27.66 -11.33
N PHE B 58 5.18 28.00 -12.52
CA PHE B 58 4.33 27.04 -13.19
C PHE B 58 5.05 26.44 -14.38
N GLY B 59 4.98 25.13 -14.50
CA GLY B 59 5.59 24.40 -15.59
C GLY B 59 4.88 23.08 -15.73
N ILE B 60 5.15 22.38 -16.83
CA ILE B 60 4.47 21.12 -17.14
C ILE B 60 5.31 19.90 -16.79
N ASN B 64 5.22 11.83 -15.53
CA ASN B 64 4.70 10.81 -14.63
C ASN B 64 3.31 10.41 -15.08
N LYS B 65 2.71 9.43 -14.42
CA LYS B 65 1.40 8.96 -14.85
C LYS B 65 0.27 9.97 -14.58
N PRO B 66 0.07 10.40 -13.32
CA PRO B 66 -1.04 11.32 -13.17
C PRO B 66 -0.64 12.79 -13.17
N ASP B 67 0.67 13.06 -13.25
CA ASP B 67 1.17 14.43 -13.21
C ASP B 67 0.84 15.24 -14.46
N LEU B 68 0.90 14.60 -15.62
CA LEU B 68 0.56 15.26 -16.87
C LEU B 68 -0.88 15.74 -16.85
N GLN B 69 -1.80 14.86 -16.46
CA GLN B 69 -3.21 15.20 -16.39
C GLN B 69 -3.45 16.38 -15.46
N LEU B 70 -2.77 16.38 -14.33
CA LEU B 70 -2.97 17.41 -13.32
C LEU B 70 -2.41 18.77 -13.76
N SER B 71 -1.25 18.75 -14.39
CA SER B 71 -0.61 20.00 -14.81
C SER B 71 -1.38 20.67 -15.93
N LEU B 72 -1.92 19.87 -16.85
CA LEU B 72 -2.71 20.41 -17.96
C LEU B 72 -4.04 20.96 -17.46
N GLU B 73 -4.65 20.26 -16.51
CA GLU B 73 -5.90 20.70 -15.90
C GLU B 73 -5.68 22.03 -15.19
N ALA B 74 -4.58 22.13 -14.45
CA ALA B 74 -4.22 23.36 -13.76
C ALA B 74 -3.90 24.47 -14.74
N PHE B 75 -3.18 24.13 -15.81
CA PHE B 75 -2.85 25.09 -16.86
C PHE B 75 -4.11 25.71 -17.43
N ASP B 76 -5.10 24.86 -17.67
CA ASP B 76 -6.35 25.31 -18.27
C ASP B 76 -7.04 26.29 -17.34
N MET B 77 -7.07 25.96 -16.04
CA MET B 77 -7.73 26.80 -15.05
C MET B 77 -6.94 28.07 -14.77
N TRP B 78 -5.61 27.98 -14.81
CA TRP B 78 -4.79 29.16 -14.60
C TRP B 78 -4.95 30.17 -15.73
N LYS B 79 -5.44 29.71 -16.88
CA LYS B 79 -5.64 30.62 -18.01
C LYS B 79 -7.10 31.04 -18.18
N ASN B 80 -8.03 30.17 -17.79
CA ASN B 80 -9.43 30.39 -18.12
C ASN B 80 -10.38 30.56 -16.93
N ASP B 81 -9.97 30.11 -15.75
CA ASP B 81 -10.82 30.34 -14.58
C ASP B 81 -10.64 31.77 -14.10
N PRO B 82 -11.75 32.53 -14.07
CA PRO B 82 -11.73 33.97 -13.78
C PRO B 82 -11.16 34.30 -12.39
N LEU B 83 -11.28 33.39 -11.44
CA LEU B 83 -10.76 33.62 -10.11
C LEU B 83 -9.23 33.60 -10.11
N PHE B 84 -8.67 32.64 -10.85
CA PHE B 84 -7.24 32.38 -10.81
C PHE B 84 -6.39 33.08 -11.88
N LYS B 85 -6.94 33.29 -13.08
CA LYS B 85 -6.11 33.77 -14.20
C LYS B 85 -5.44 35.15 -14.03
N PRO B 86 -5.92 36.01 -13.11
CA PRO B 86 -5.11 37.22 -12.90
C PRO B 86 -3.72 36.98 -12.29
N PHE B 87 -3.51 35.82 -11.69
CA PHE B 87 -2.29 35.58 -10.92
C PHE B 87 -1.31 34.69 -11.67
N PHE B 88 -1.68 34.30 -12.88
CA PHE B 88 -0.77 33.55 -13.73
C PHE B 88 -0.05 34.52 -14.63
N HIS B 89 1.27 34.51 -14.58
CA HIS B 89 2.05 35.32 -15.49
C HIS B 89 2.74 34.37 -16.45
N ASN B 90 2.15 34.26 -17.64
CA ASN B 90 2.52 33.21 -18.59
C ASN B 90 3.69 33.67 -19.44
N VAL B 91 4.84 33.83 -18.77
CA VAL B 91 6.03 34.40 -19.39
C VAL B 91 6.96 33.30 -19.90
N GLY B 92 6.59 32.04 -19.62
CA GLY B 92 7.37 30.91 -20.08
C GLY B 92 8.37 30.45 -19.04
N GLN B 93 8.83 29.22 -19.17
CA GLN B 93 9.81 28.66 -18.26
C GLN B 93 10.90 27.93 -19.04
N MET B 94 12.15 28.25 -18.72
CA MET B 94 13.27 27.68 -19.46
C MET B 94 14.18 26.89 -18.54
N ASP B 95 14.27 25.58 -18.78
CA ASP B 95 15.26 24.76 -18.12
C ASP B 95 16.55 24.81 -18.91
N VAL B 96 17.63 25.15 -18.22
CA VAL B 96 18.93 25.24 -18.87
C VAL B 96 19.92 24.31 -18.19
N SER B 97 20.97 23.95 -18.93
CA SER B 97 22.07 23.17 -18.40
C SER B 97 23.27 23.31 -19.33
N SER B 98 24.47 23.19 -18.77
CA SER B 98 25.68 23.24 -19.57
C SER B 98 26.53 21.99 -19.35
N THR B 99 26.01 21.09 -18.52
CA THR B 99 26.69 19.83 -18.24
C THR B 99 26.21 18.76 -19.22
N GLU B 100 27.04 17.76 -19.45
CA GLU B 100 26.70 16.72 -20.40
C GLU B 100 25.51 15.91 -19.87
N GLU B 101 25.57 15.55 -18.59
CA GLU B 101 24.52 14.80 -17.92
C GLU B 101 23.19 15.56 -17.93
N GLY B 102 23.25 16.86 -17.65
CA GLY B 102 22.06 17.68 -17.58
C GLY B 102 21.36 17.91 -18.91
N ILE B 103 22.14 18.20 -19.95
CA ILE B 103 21.60 18.41 -21.30
C ILE B 103 20.92 17.14 -21.81
N LYS B 104 21.46 15.99 -21.40
CA LYS B 104 20.91 14.71 -21.81
C LYS B 104 19.59 14.45 -21.08
N LYS B 105 19.49 14.97 -19.86
CA LYS B 105 18.22 14.95 -19.13
C LYS B 105 17.18 15.83 -19.83
N LEU B 106 17.61 17.01 -20.27
CA LEU B 106 16.74 17.94 -20.99
C LEU B 106 16.14 17.30 -22.24
N ARG B 107 16.99 16.66 -23.03
CA ARG B 107 16.58 16.10 -24.31
C ARG B 107 15.66 14.89 -24.12
N LYS B 108 15.90 14.13 -23.05
CA LYS B 108 15.08 12.94 -22.81
C LYS B 108 13.73 13.36 -22.27
N ARG B 109 13.69 14.47 -21.54
CA ARG B 109 12.42 15.04 -21.08
C ARG B 109 11.61 15.54 -22.28
N TYR B 110 12.25 16.25 -23.20
CA TYR B 110 11.58 16.73 -24.40
C TYR B 110 10.98 15.56 -25.17
N GLN B 111 11.73 14.48 -25.27
CA GLN B 111 11.35 13.34 -26.08
C GLN B 111 10.10 12.64 -25.55
N SER B 112 10.01 12.53 -24.23
CA SER B 112 8.88 11.89 -23.59
C SER B 112 7.62 12.75 -23.72
N LEU B 113 7.81 14.06 -23.83
CA LEU B 113 6.69 14.96 -24.07
C LEU B 113 6.05 14.73 -25.44
N LEU B 114 6.85 14.41 -26.44
CA LEU B 114 6.31 14.10 -27.75
C LEU B 114 5.53 12.79 -27.75
N ARG B 115 5.97 11.83 -26.93
CA ARG B 115 5.33 10.53 -26.90
C ARG B 115 4.03 10.60 -26.11
N ALA B 116 3.77 11.75 -25.48
CA ALA B 116 2.48 12.01 -24.85
C ALA B 116 1.38 12.09 -25.90
N GLY B 117 1.74 12.52 -27.11
CA GLY B 117 0.83 12.57 -28.24
C GLY B 117 -0.34 13.52 -28.12
N ILE B 118 -0.10 14.69 -27.55
CA ILE B 118 -1.13 15.72 -27.46
C ILE B 118 -0.62 17.07 -27.95
N GLY B 119 0.35 17.03 -28.87
CA GLY B 119 0.82 18.23 -29.53
C GLY B 119 1.61 19.14 -28.61
N LEU B 120 2.32 18.55 -27.65
CA LEU B 120 3.09 19.33 -26.69
C LEU B 120 4.34 19.92 -27.34
N GLU B 121 4.71 19.41 -28.51
CA GLU B 121 5.87 19.92 -29.23
C GLU B 121 5.60 21.33 -29.77
N LYS B 122 4.32 21.68 -29.80
CA LYS B 122 3.86 22.99 -30.26
C LYS B 122 4.22 24.09 -29.26
N THR B 123 4.46 23.72 -28.01
CA THR B 123 4.72 24.69 -26.95
C THR B 123 5.96 24.34 -26.13
N ASN B 124 6.66 23.28 -26.53
CA ASN B 124 7.93 22.93 -25.90
C ASN B 124 9.02 22.80 -26.95
N PHE B 125 10.11 23.53 -26.75
CA PHE B 125 11.17 23.59 -27.75
C PHE B 125 12.54 23.42 -27.12
N LEU B 126 13.39 22.62 -27.76
CA LEU B 126 14.78 22.55 -27.37
C LEU B 126 15.56 23.71 -27.97
N LEU B 127 16.20 24.50 -27.12
CA LEU B 127 17.02 25.61 -27.59
C LEU B 127 18.44 25.11 -27.70
N GLU B 128 18.86 24.82 -28.94
CA GLU B 128 20.12 24.12 -29.16
C GLU B 128 21.30 25.07 -29.27
N SER B 129 21.02 26.36 -29.35
CA SER B 129 22.07 27.37 -29.50
C SER B 129 21.91 28.53 -28.50
N GLU B 130 22.96 29.34 -28.41
CA GLU B 130 22.96 30.49 -27.49
C GLU B 130 22.12 31.64 -28.03
N ASP B 131 21.99 31.72 -29.36
CA ASP B 131 21.15 32.75 -29.95
C ASP B 131 19.69 32.52 -29.58
N GLU B 132 19.27 31.26 -29.59
CA GLU B 132 17.89 30.92 -29.23
C GLU B 132 17.59 31.24 -27.78
N ILE B 133 18.58 31.01 -26.91
CA ILE B 133 18.44 31.30 -25.48
C ILE B 133 18.34 32.80 -25.23
N LEU B 134 19.22 33.56 -25.87
CA LEU B 134 19.20 35.02 -25.74
C LEU B 134 17.91 35.63 -26.31
N ALA B 135 17.30 34.95 -27.28
CA ALA B 135 16.06 35.42 -27.89
C ALA B 135 14.90 35.36 -26.92
N LYS B 136 14.89 34.34 -26.08
CA LYS B 136 13.84 34.15 -25.08
C LYS B 136 14.21 34.88 -23.78
N ALA B 137 15.50 35.03 -23.53
CA ALA B 137 15.96 35.71 -22.32
C ALA B 137 17.07 36.70 -22.64
N PRO B 138 16.69 37.90 -23.10
CA PRO B 138 17.63 38.92 -23.57
C PRO B 138 18.56 39.51 -22.50
N HIS B 139 18.29 39.23 -21.23
CA HIS B 139 19.11 39.76 -20.14
C HIS B 139 20.45 39.03 -19.99
N PHE B 140 20.52 37.81 -20.50
CA PHE B 140 21.77 37.05 -20.46
C PHE B 140 22.80 37.69 -21.39
N THR B 141 24.08 37.47 -21.08
CA THR B 141 25.16 37.82 -22.00
C THR B 141 25.60 36.53 -22.68
N ARG B 142 26.21 36.66 -23.85
CA ARG B 142 26.57 35.46 -24.62
C ARG B 142 27.64 34.63 -23.91
N GLU B 143 28.58 35.33 -23.27
CA GLU B 143 29.67 34.67 -22.57
C GLU B 143 29.16 34.01 -21.31
N GLN B 144 28.09 34.57 -20.75
CA GLN B 144 27.48 34.03 -19.54
C GLN B 144 26.87 32.67 -19.79
N ILE B 145 26.38 32.46 -21.01
CA ILE B 145 25.63 31.26 -21.33
C ILE B 145 26.33 30.34 -22.34
N LYS B 146 27.66 30.34 -22.34
CA LYS B 146 28.42 29.50 -23.28
C LYS B 146 28.29 28.04 -22.91
N GLY B 147 27.93 27.21 -23.89
CA GLY B 147 27.76 25.79 -23.65
C GLY B 147 26.37 25.43 -23.17
N TRP B 148 25.55 26.44 -22.88
CA TRP B 148 24.19 26.23 -22.38
C TRP B 148 23.23 25.69 -23.44
N LYS B 149 22.43 24.70 -23.04
CA LYS B 149 21.28 24.30 -23.84
C LYS B 149 20.02 24.52 -22.99
N GLY B 150 18.86 24.64 -23.64
CA GLY B 150 17.64 24.92 -22.92
C GLY B 150 16.40 24.19 -23.41
N LEU B 151 15.51 23.86 -22.47
CA LEU B 151 14.20 23.32 -22.84
C LEU B 151 13.13 24.34 -22.45
N PHE B 152 12.59 25.01 -23.46
CA PHE B 152 11.65 26.10 -23.23
C PHE B 152 10.20 25.63 -23.27
N CYS B 153 9.50 25.84 -22.16
CA CYS B 153 8.08 25.51 -22.09
C CYS B 153 7.27 26.80 -22.16
N GLY B 154 6.55 26.96 -23.26
CA GLY B 154 5.74 28.15 -23.47
C GLY B 154 4.50 28.15 -22.59
N ASP B 155 4.21 26.99 -22.00
CA ASP B 155 3.07 26.84 -21.10
C ASP B 155 3.46 27.28 -19.71
N GLY B 156 4.76 27.55 -19.53
CA GLY B 156 5.30 27.92 -18.24
C GLY B 156 5.14 29.38 -17.87
N GLY B 157 5.61 29.71 -16.67
CA GLY B 157 5.58 31.08 -16.17
C GLY B 157 5.62 31.05 -14.66
N TRP B 158 5.09 32.10 -14.04
CA TRP B 158 5.05 32.12 -12.57
C TRP B 158 3.67 32.54 -12.05
N LEU B 159 3.46 32.27 -10.76
CA LEU B 159 2.16 32.46 -10.14
C LEU B 159 2.27 33.38 -8.94
N ALA B 160 1.43 34.41 -8.88
CA ALA B 160 1.37 35.26 -7.69
C ALA B 160 0.74 34.44 -6.56
N ALA B 161 1.58 33.65 -5.88
CA ALA B 161 1.11 32.59 -4.99
C ALA B 161 0.23 33.08 -3.85
N ALA B 162 0.76 33.97 -3.01
CA ALA B 162 0.02 34.44 -1.84
C ALA B 162 -1.28 35.14 -2.26
N LYS B 163 -1.20 35.97 -3.29
CA LYS B 163 -2.38 36.67 -3.80
C LYS B 163 -3.47 35.72 -4.30
N ALA B 164 -3.07 34.58 -4.86
CA ALA B 164 -4.02 33.60 -5.37
C ALA B 164 -4.77 32.91 -4.23
N ILE B 165 -4.05 32.47 -3.21
CA ILE B 165 -4.69 31.87 -2.03
C ILE B 165 -5.61 32.87 -1.36
N ASN B 166 -5.12 34.09 -1.18
CA ASN B 166 -5.89 35.19 -0.62
C ASN B 166 -7.19 35.47 -1.39
N ALA B 167 -7.13 35.28 -2.70
CA ALA B 167 -8.29 35.46 -3.57
C ALA B 167 -9.37 34.46 -3.21
N ILE B 168 -8.94 33.23 -2.92
CA ILE B 168 -9.86 32.19 -2.48
C ILE B 168 -10.46 32.54 -1.11
N GLY B 169 -9.58 32.95 -0.20
CA GLY B 169 -9.97 33.23 1.16
C GLY B 169 -11.06 34.28 1.25
N GLN B 170 -10.92 35.34 0.46
CA GLN B 170 -11.91 36.40 0.45
C GLN B 170 -13.21 35.91 -0.21
N PHE B 171 -13.08 35.03 -1.20
CA PHE B 171 -14.28 34.43 -1.80
C PHE B 171 -15.01 33.55 -0.80
N LEU B 172 -14.24 32.74 -0.06
CA LEU B 172 -14.81 31.88 0.96
C LEU B 172 -15.58 32.66 2.01
N LYS B 173 -15.06 33.84 2.36
CA LYS B 173 -15.66 34.62 3.44
C LYS B 173 -16.95 35.32 2.99
N GLU B 174 -16.99 35.75 1.73
CA GLU B 174 -18.20 36.37 1.18
C GLU B 174 -19.31 35.34 0.98
N GLN B 175 -18.94 34.09 0.75
CA GLN B 175 -19.92 33.02 0.57
C GLN B 175 -20.48 32.60 1.93
N GLY B 176 -19.73 32.88 2.99
CA GLY B 176 -20.19 32.62 4.34
C GLY B 176 -19.56 31.41 4.99
N VAL B 177 -18.40 31.01 4.51
CA VAL B 177 -17.65 29.90 5.11
C VAL B 177 -17.21 30.29 6.51
N LYS B 178 -17.29 29.37 7.46
CA LYS B 178 -16.86 29.65 8.82
C LYS B 178 -15.36 29.44 8.99
N PHE B 179 -14.77 30.16 9.94
CA PHE B 179 -13.32 30.11 10.14
C PHE B 179 -12.95 29.95 11.60
N GLY B 180 -11.81 29.30 11.83
CA GLY B 180 -11.23 29.19 13.15
C GLY B 180 -9.74 29.38 13.02
N PHE B 181 -9.23 30.46 13.63
CA PHE B 181 -7.82 30.81 13.53
C PHE B 181 -7.16 30.93 14.90
N GLY B 182 -5.82 30.87 14.91
CA GLY B 182 -5.05 30.90 16.13
C GLY B 182 -5.17 29.57 16.86
N GLU B 183 -5.25 29.62 18.19
CA GLU B 183 -5.43 28.41 18.97
C GLU B 183 -6.79 27.80 18.63
N ALA B 184 -7.71 28.67 18.23
CA ALA B 184 -9.05 28.24 17.86
C ALA B 184 -9.04 27.51 16.51
N GLY B 185 -7.90 27.53 15.82
CA GLY B 185 -7.80 26.87 14.53
C GLY B 185 -6.67 25.87 14.43
N THR B 186 -5.96 25.66 15.54
CA THR B 186 -4.84 24.74 15.52
C THR B 186 -5.28 23.34 15.93
N PHE B 187 -5.31 22.44 14.95
CA PHE B 187 -5.71 21.05 15.14
C PHE B 187 -4.89 20.39 16.24
N LYS B 188 -5.54 19.60 17.08
CA LYS B 188 -4.86 18.87 18.14
C LYS B 188 -5.10 17.38 17.96
N LYS B 189 -6.35 16.99 17.77
CA LYS B 189 -6.71 15.58 17.61
C LYS B 189 -8.08 15.44 16.98
N PRO B 190 -8.37 14.26 16.39
CA PRO B 190 -9.71 14.02 15.86
C PRO B 190 -10.71 13.70 16.97
N LEU B 191 -12.00 13.80 16.65
CA LEU B 191 -13.04 13.39 17.58
C LEU B 191 -13.74 12.16 17.04
N PHE B 192 -14.12 11.25 17.93
CA PHE B 192 -14.77 10.02 17.51
C PHE B 192 -16.08 9.76 18.23
N ALA B 193 -16.99 9.06 17.55
CA ALA B 193 -18.26 8.68 18.12
C ALA B 193 -18.08 7.46 19.01
N ASP B 194 -17.12 6.62 18.63
CA ASP B 194 -16.87 5.36 19.32
C ASP B 194 -15.49 5.33 19.97
N ALA B 195 -15.34 4.49 20.99
CA ALA B 195 -14.08 4.41 21.71
C ALA B 195 -12.98 3.71 20.91
N ASP B 196 -13.36 2.73 20.07
CA ASP B 196 -12.40 2.03 19.23
C ASP B 196 -11.90 2.91 18.06
N GLU B 197 -12.43 4.13 17.97
CA GLU B 197 -12.01 5.11 16.98
C GLU B 197 -12.08 4.64 15.53
N LYS B 198 -13.25 4.21 15.10
CA LYS B 198 -13.45 3.82 13.71
C LYS B 198 -14.35 4.81 13.01
N THR B 199 -14.88 5.77 13.76
CA THR B 199 -15.77 6.78 13.19
C THR B 199 -15.41 8.18 13.66
N CYS B 200 -14.77 8.95 12.78
CA CYS B 200 -14.41 10.32 13.07
C CYS B 200 -15.59 11.25 12.80
N ILE B 201 -15.85 12.15 13.73
CA ILE B 201 -16.99 13.07 13.60
C ILE B 201 -16.62 14.52 13.90
N GLY B 202 -15.33 14.83 13.87
CA GLY B 202 -14.90 16.19 14.09
C GLY B 202 -13.47 16.31 14.61
N VAL B 203 -13.08 17.51 15.01
CA VAL B 203 -11.74 17.73 15.55
C VAL B 203 -11.80 18.56 16.83
N GLU B 204 -10.72 18.52 17.59
CA GLU B 204 -10.54 19.40 18.74
C GLU B 204 -9.27 20.21 18.55
N THR B 205 -9.37 21.53 18.74
CA THR B 205 -8.21 22.40 18.60
C THR B 205 -7.49 22.53 19.96
N VAL B 206 -6.33 23.18 19.96
CA VAL B 206 -5.45 23.16 21.14
C VAL B 206 -6.02 23.95 22.32
N ASP B 207 -6.94 24.85 22.04
CA ASP B 207 -7.56 25.64 23.09
C ASP B 207 -8.74 24.90 23.71
N GLY B 208 -9.03 23.72 23.16
CA GLY B 208 -10.09 22.88 23.68
C GLY B 208 -11.36 22.92 22.86
N THR B 209 -11.46 23.89 21.97
CA THR B 209 -12.65 24.04 21.13
C THR B 209 -12.88 22.77 20.31
N LYS B 210 -14.12 22.33 20.28
CA LYS B 210 -14.47 21.14 19.50
C LYS B 210 -15.39 21.50 18.35
N TYR B 211 -15.02 21.05 17.16
CA TYR B 211 -15.82 21.25 15.96
C TYR B 211 -16.33 19.90 15.47
N TYR B 212 -17.61 19.84 15.12
CA TYR B 212 -18.20 18.58 14.65
C TYR B 212 -18.64 18.66 13.20
N ALA B 213 -18.31 17.63 12.43
CA ALA B 213 -18.67 17.58 11.02
C ALA B 213 -18.83 16.14 10.55
N ASP B 214 -19.40 15.96 9.36
CA ASP B 214 -19.58 14.63 8.79
C ASP B 214 -18.27 14.08 8.26
N LYS B 215 -17.42 14.96 7.76
CA LYS B 215 -16.11 14.57 7.24
C LYS B 215 -15.05 15.58 7.63
N VAL B 216 -13.83 15.09 7.81
CA VAL B 216 -12.70 15.95 8.14
C VAL B 216 -11.63 15.79 7.08
N VAL B 217 -11.14 16.90 6.54
CA VAL B 217 -10.02 16.86 5.60
C VAL B 217 -8.78 17.47 6.23
N LEU B 218 -7.72 16.68 6.32
CA LEU B 218 -6.46 17.15 6.90
C LEU B 218 -5.52 17.58 5.80
N ALA B 219 -5.57 18.86 5.45
CA ALA B 219 -4.69 19.41 4.43
C ALA B 219 -3.69 20.35 5.09
N ALA B 220 -2.91 19.79 6.01
CA ALA B 220 -2.01 20.56 6.87
C ALA B 220 -0.55 20.53 6.40
N GLY B 221 -0.35 20.28 5.11
CA GLY B 221 0.96 20.32 4.50
C GLY B 221 2.06 19.62 5.28
N ALA B 222 3.13 20.36 5.56
CA ALA B 222 4.32 19.80 6.20
C ALA B 222 4.04 19.40 7.65
N TRP B 223 2.88 19.77 8.16
CA TRP B 223 2.54 19.49 9.56
C TRP B 223 1.64 18.26 9.71
N SER B 224 1.08 17.78 8.60
CA SER B 224 0.24 16.59 8.63
C SER B 224 0.97 15.42 9.29
N SER B 225 2.21 15.20 8.90
CA SER B 225 2.99 14.08 9.43
C SER B 225 3.25 14.22 10.93
N THR B 226 3.10 15.43 11.46
CA THR B 226 3.33 15.68 12.89
C THR B 226 2.04 15.66 13.70
N LEU B 227 0.91 15.90 13.04
CA LEU B 227 -0.37 15.98 13.73
C LEU B 227 -0.99 14.59 13.91
N VAL B 228 -0.91 13.76 12.88
CA VAL B 228 -1.40 12.38 12.95
C VAL B 228 -0.36 11.40 12.40
N ASP B 229 -0.41 10.15 12.86
CA ASP B 229 0.57 9.15 12.45
C ASP B 229 0.38 8.73 11.00
N LEU B 230 1.29 9.18 10.14
CA LEU B 230 1.27 8.78 8.74
C LEU B 230 2.28 7.70 8.45
N GLU B 231 2.78 7.07 9.51
CA GLU B 231 3.70 5.92 9.42
C GLU B 231 4.82 6.11 8.39
N GLU B 232 5.48 7.27 8.47
CA GLU B 232 6.67 7.59 7.70
C GLU B 232 6.42 7.69 6.19
N GLN B 233 5.16 7.85 5.80
CA GLN B 233 4.79 8.05 4.41
C GLN B 233 5.23 9.42 3.91
N CYS B 234 5.18 10.40 4.81
CA CYS B 234 5.54 11.77 4.49
C CYS B 234 6.66 12.25 5.41
N VAL B 235 7.75 12.69 4.82
CA VAL B 235 8.85 13.26 5.58
C VAL B 235 8.96 14.73 5.22
N SER B 236 8.63 15.60 6.18
CA SER B 236 8.60 17.03 5.94
C SER B 236 10.02 17.59 5.84
N LYS B 237 10.24 18.41 4.81
CA LYS B 237 11.55 18.98 4.55
C LYS B 237 11.44 20.47 4.24
N ALA B 238 12.51 21.22 4.53
CA ALA B 238 12.53 22.66 4.26
C ALA B 238 13.36 22.99 3.03
N TRP B 239 12.87 23.96 2.27
CA TRP B 239 13.64 24.53 1.17
C TRP B 239 13.84 26.00 1.46
N VAL B 240 14.77 26.64 0.76
CA VAL B 240 15.16 27.99 1.15
C VAL B 240 14.98 28.98 0.01
N PHE B 241 14.81 30.24 0.37
CA PHE B 241 14.82 31.31 -0.61
C PHE B 241 15.32 32.60 0.02
N ALA B 242 15.74 33.51 -0.83
CA ALA B 242 16.18 34.83 -0.39
C ALA B 242 15.71 35.85 -1.43
N HIS B 243 15.73 37.13 -1.05
CA HIS B 243 15.29 38.19 -1.94
C HIS B 243 16.40 39.21 -2.17
N ILE B 244 16.42 39.78 -3.37
CA ILE B 244 17.27 40.94 -3.64
C ILE B 244 16.38 42.06 -4.17
N GLN B 245 16.77 43.30 -3.91
CA GLN B 245 15.96 44.45 -4.31
C GLN B 245 16.56 45.14 -5.53
N LEU B 246 15.73 45.37 -6.54
CA LEU B 246 16.17 46.08 -7.74
C LEU B 246 15.54 47.47 -7.85
N THR B 247 16.26 48.38 -8.49
CA THR B 247 15.72 49.68 -8.84
C THR B 247 14.80 49.50 -10.04
N PRO B 248 13.85 50.44 -10.26
CA PRO B 248 12.97 50.32 -11.42
C PRO B 248 13.71 50.17 -12.74
N ALA B 249 14.88 50.79 -12.84
CA ALA B 249 15.71 50.72 -14.04
C ALA B 249 16.29 49.33 -14.25
N GLU B 250 16.81 48.76 -13.18
CA GLU B 250 17.45 47.44 -13.25
C GLU B 250 16.42 46.35 -13.51
N ALA B 251 15.23 46.51 -12.95
CA ALA B 251 14.20 45.48 -13.02
C ALA B 251 13.51 45.47 -14.38
N ALA B 252 13.63 46.57 -15.13
CA ALA B 252 12.94 46.68 -16.40
C ALA B 252 13.50 45.72 -17.45
N ALA B 253 14.78 45.38 -17.35
CA ALA B 253 15.40 44.44 -18.30
C ALA B 253 14.94 43.01 -18.04
N TYR B 254 14.18 42.82 -16.96
CA TYR B 254 13.69 41.50 -16.59
C TYR B 254 12.16 41.38 -16.68
N LYS B 255 11.51 42.45 -17.13
CA LYS B 255 10.05 42.51 -17.27
C LYS B 255 9.54 41.44 -18.24
N ASN B 256 8.58 40.64 -17.78
CA ASN B 256 7.97 39.57 -18.59
C ASN B 256 8.97 38.59 -19.17
N THR B 257 10.07 38.38 -18.44
CA THR B 257 11.09 37.43 -18.86
C THR B 257 10.71 36.05 -18.36
N PRO B 258 11.08 35.00 -19.12
CA PRO B 258 10.84 33.62 -18.71
C PRO B 258 11.51 33.24 -17.38
N VAL B 259 10.90 32.31 -16.66
CA VAL B 259 11.49 31.78 -15.45
C VAL B 259 12.65 30.86 -15.83
N ILE B 260 13.84 31.13 -15.29
CA ILE B 260 15.03 30.36 -15.64
C ILE B 260 15.41 29.36 -14.54
N TYR B 261 15.56 28.08 -14.92
CA TYR B 261 15.89 27.02 -13.95
C TYR B 261 17.02 26.10 -14.43
N ASP B 262 17.97 25.83 -13.54
CA ASP B 262 19.03 24.86 -13.81
C ASP B 262 19.10 23.94 -12.60
N GLY B 263 18.91 22.65 -12.83
CA GLY B 263 18.84 21.68 -11.75
C GLY B 263 20.06 21.64 -10.85
N ASP B 264 21.18 22.16 -11.35
CA ASP B 264 22.42 22.16 -10.58
C ASP B 264 22.67 23.48 -9.83
N TYR B 265 21.73 24.44 -9.95
CA TYR B 265 21.91 25.76 -9.34
C TYR B 265 20.67 26.27 -8.61
N GLY B 266 19.51 26.06 -9.22
CA GLY B 266 18.25 26.60 -8.71
C GLY B 266 17.53 27.42 -9.74
N PHE B 267 16.89 28.51 -9.30
CA PHE B 267 16.16 29.38 -10.22
C PHE B 267 15.91 30.76 -9.63
N PHE B 268 15.46 31.68 -10.47
CA PHE B 268 14.94 32.97 -10.01
C PHE B 268 13.69 33.33 -10.81
N ILE B 269 12.86 34.19 -10.25
CA ILE B 269 11.66 34.65 -10.94
C ILE B 269 11.74 36.16 -11.17
N GLU B 270 11.20 36.63 -12.30
CA GLU B 270 11.23 38.05 -12.64
C GLU B 270 10.74 38.89 -11.47
N PRO B 271 11.28 40.10 -11.32
CA PRO B 271 10.95 40.97 -10.18
C PRO B 271 9.47 41.37 -10.15
N ASP B 272 8.90 41.42 -8.95
CA ASP B 272 7.50 41.80 -8.80
C ASP B 272 7.35 43.32 -8.92
N GLU B 273 6.17 43.85 -8.58
CA GLU B 273 5.91 45.28 -8.77
C GLU B 273 6.78 46.16 -7.89
N ASN B 274 7.46 45.56 -6.91
CA ASN B 274 8.34 46.30 -6.03
C ASN B 274 9.81 46.04 -6.34
N GLY B 275 10.06 45.39 -7.48
CA GLY B 275 11.40 45.13 -7.96
C GLY B 275 12.11 44.00 -7.25
N ILE B 276 11.36 43.17 -6.53
CA ILE B 276 11.94 42.09 -5.75
C ILE B 276 12.09 40.78 -6.52
N ILE B 277 13.32 40.29 -6.61
CA ILE B 277 13.59 39.00 -7.23
C ILE B 277 13.80 37.90 -6.17
N LYS B 278 12.99 36.85 -6.24
CA LYS B 278 13.16 35.67 -5.39
C LYS B 278 14.19 34.75 -6.03
N VAL B 279 15.10 34.23 -5.22
CA VAL B 279 16.11 33.28 -5.71
C VAL B 279 16.06 32.02 -4.87
N CYS B 280 16.11 30.86 -5.54
CA CYS B 280 16.18 29.57 -4.86
C CYS B 280 17.35 28.74 -5.36
N ASP B 281 17.90 27.88 -4.52
CA ASP B 281 18.84 26.85 -4.96
C ASP B 281 18.04 25.58 -5.23
N GLU B 282 18.68 24.53 -5.73
CA GLU B 282 18.03 23.22 -5.72
C GLU B 282 18.93 22.21 -5.04
N PHE B 283 18.32 21.46 -4.13
CA PHE B 283 19.02 20.54 -3.25
C PHE B 283 17.94 19.65 -2.59
N PRO B 284 18.35 18.54 -1.95
CA PRO B 284 17.36 17.56 -1.49
C PRO B 284 16.50 17.98 -0.29
N GLY B 285 16.67 19.21 0.21
CA GLY B 285 15.87 19.67 1.33
C GLY B 285 16.52 19.46 2.69
N PHE B 286 15.95 20.09 3.70
CA PHE B 286 16.41 19.94 5.09
C PHE B 286 15.31 19.41 5.99
N THR B 287 15.61 18.37 6.77
CA THR B 287 14.67 17.90 7.78
C THR B 287 14.92 18.57 9.11
N HIS B 288 14.05 18.29 10.08
CA HIS B 288 14.23 18.77 11.45
C HIS B 288 13.63 17.75 12.41
N PHE B 289 14.33 16.63 12.57
CA PHE B 289 13.83 15.53 13.37
C PHE B 289 13.82 15.86 14.86
N LYS B 290 12.71 15.56 15.52
CA LYS B 290 12.57 15.68 16.96
C LYS B 290 11.73 14.52 17.44
N MET B 291 11.77 14.25 18.73
CA MET B 291 10.86 13.27 19.30
C MET B 291 9.48 13.88 19.43
N HIS B 292 8.51 13.26 18.76
CA HIS B 292 7.15 13.75 18.72
C HIS B 292 6.20 12.57 18.72
N GLN B 293 4.98 12.78 19.21
CA GLN B 293 3.98 11.72 19.20
C GLN B 293 2.69 12.18 18.53
N PRO B 294 2.64 12.08 17.20
CA PRO B 294 1.43 12.40 16.45
C PRO B 294 0.27 11.50 16.87
N TYR B 295 -0.94 12.00 16.74
CA TYR B 295 -2.12 11.25 17.15
C TYR B 295 -2.21 9.94 16.39
N GLY B 296 -2.45 8.84 17.12
CA GLY B 296 -2.54 7.54 16.49
C GLY B 296 -1.27 6.73 16.65
N SER B 297 -0.20 7.40 17.07
CA SER B 297 1.04 6.71 17.35
C SER B 297 1.10 6.30 18.83
N PRO B 298 1.39 5.02 19.10
CA PRO B 298 1.39 4.44 20.45
C PRO B 298 2.58 4.90 21.30
N VAL B 299 3.66 5.28 20.62
CA VAL B 299 4.87 5.76 21.27
C VAL B 299 5.42 6.98 20.53
N PRO B 300 6.20 7.82 21.22
CA PRO B 300 6.89 8.91 20.53
C PRO B 300 7.83 8.41 19.45
N LYS B 301 7.76 9.00 18.26
CA LYS B 301 8.63 8.62 17.16
C LYS B 301 9.56 9.77 16.86
N LEU B 302 10.63 9.48 16.13
CA LEU B 302 11.42 10.54 15.51
C LEU B 302 10.67 11.02 14.27
N ILE B 303 10.32 12.30 14.26
CA ILE B 303 9.47 12.86 13.21
C ILE B 303 10.05 14.20 12.77
N SER B 304 10.16 14.43 11.47
CA SER B 304 10.67 15.70 10.98
C SER B 304 9.61 16.76 11.15
N VAL B 305 9.82 17.64 12.14
CA VAL B 305 8.84 18.64 12.54
C VAL B 305 9.21 20.05 12.06
N PRO B 306 8.34 20.67 11.26
CA PRO B 306 8.62 21.99 10.71
C PRO B 306 9.04 23.03 11.75
N ARG B 307 10.18 23.65 11.48
CA ARG B 307 10.65 24.81 12.22
C ARG B 307 10.11 26.07 11.51
N SER B 308 8.93 26.52 11.96
CA SER B 308 8.16 27.51 11.24
C SER B 308 8.75 28.91 11.27
N HIS B 309 9.03 29.45 10.10
CA HIS B 309 9.54 30.82 10.01
C HIS B 309 8.53 31.82 10.55
N ALA B 310 7.25 31.46 10.45
CA ALA B 310 6.19 32.32 10.96
C ALA B 310 6.24 32.40 12.48
N LYS B 311 6.54 31.29 13.14
CA LYS B 311 6.58 31.27 14.60
C LYS B 311 7.93 31.80 15.10
N HIS B 312 8.94 31.70 14.25
CA HIS B 312 10.27 32.17 14.59
C HIS B 312 10.85 33.05 13.49
N PRO B 313 10.39 34.32 13.43
CA PRO B 313 10.74 35.26 12.36
C PRO B 313 12.24 35.58 12.32
N THR B 314 12.93 35.34 13.43
CA THR B 314 14.36 35.60 13.49
C THR B 314 15.16 34.51 12.79
N ASP B 315 14.49 33.39 12.49
CA ASP B 315 15.12 32.31 11.74
C ASP B 315 15.49 32.79 10.35
N THR B 316 16.54 32.22 9.78
CA THR B 316 16.84 32.42 8.38
C THR B 316 17.00 31.06 7.73
N TYR B 317 18.23 30.69 7.43
CA TYR B 317 18.51 29.36 6.89
C TYR B 317 19.99 29.02 7.14
N PRO B 318 20.37 27.73 6.97
CA PRO B 318 21.75 27.33 7.25
C PRO B 318 22.82 28.10 6.46
N HIS B 319 24.02 28.17 7.01
CA HIS B 319 25.16 28.81 6.36
C HIS B 319 25.39 28.21 4.98
N ALA B 320 25.25 26.89 4.89
CA ALA B 320 25.46 26.18 3.65
C ALA B 320 24.54 26.70 2.53
N SER B 321 23.33 27.08 2.90
CA SER B 321 22.34 27.56 1.94
C SER B 321 22.69 28.93 1.36
N GLU B 322 23.32 29.78 2.17
CA GLU B 322 23.76 31.09 1.72
C GLU B 322 24.74 30.96 0.56
N VAL B 323 25.58 29.95 0.63
CA VAL B 323 26.56 29.69 -0.43
C VAL B 323 25.91 29.28 -1.74
N THR B 324 25.01 28.30 -1.68
CA THR B 324 24.36 27.77 -2.88
C THR B 324 23.42 28.78 -3.51
N ILE B 325 22.75 29.58 -2.68
CA ILE B 325 21.88 30.65 -3.17
C ILE B 325 22.68 31.74 -3.89
N LYS B 326 23.80 32.15 -3.31
CA LYS B 326 24.66 33.14 -3.96
C LYS B 326 25.25 32.58 -5.26
N LYS B 327 25.50 31.27 -5.28
CA LYS B 327 25.99 30.60 -6.48
C LYS B 327 24.97 30.73 -7.62
N ALA B 328 23.70 30.54 -7.29
CA ALA B 328 22.63 30.68 -8.26
C ALA B 328 22.57 32.10 -8.78
N ILE B 329 22.71 33.06 -7.87
CA ILE B 329 22.70 34.47 -8.21
C ILE B 329 23.83 34.78 -9.17
N ASN B 330 25.01 34.24 -8.87
CA ASN B 330 26.17 34.39 -9.75
C ASN B 330 25.95 33.74 -11.12
N ARG B 331 25.32 32.57 -11.11
CA ARG B 331 25.05 31.82 -12.34
C ARG B 331 24.03 32.50 -13.24
N PHE B 332 22.99 33.06 -12.64
CA PHE B 332 21.87 33.63 -13.39
C PHE B 332 21.91 35.15 -13.49
N LEU B 333 22.21 35.81 -12.38
CA LEU B 333 22.18 37.27 -12.30
C LEU B 333 23.50 37.83 -11.79
N PRO B 334 24.59 37.62 -12.54
CA PRO B 334 25.92 37.99 -12.05
C PRO B 334 26.06 39.50 -11.81
N ARG B 335 25.25 40.29 -12.49
CA ARG B 335 25.30 41.74 -12.37
C ARG B 335 24.81 42.22 -11.00
N PHE B 336 24.23 41.32 -10.22
CA PHE B 336 23.66 41.67 -8.93
C PHE B 336 24.35 40.92 -7.79
N ASN B 337 25.60 40.55 -7.99
CA ASN B 337 26.34 39.78 -6.99
C ASN B 337 26.62 40.59 -5.72
N ASP B 338 26.64 41.90 -5.86
CA ASP B 338 26.91 42.79 -4.73
C ASP B 338 25.61 43.26 -4.10
N LYS B 339 24.50 42.76 -4.60
CA LYS B 339 23.20 43.04 -3.99
C LYS B 339 23.05 42.32 -2.66
N GLU B 340 22.69 43.07 -1.63
CA GLU B 340 22.48 42.49 -0.31
C GLU B 340 21.20 41.66 -0.29
N LEU B 341 21.30 40.47 0.29
CA LEU B 341 20.16 39.58 0.40
C LEU B 341 19.33 39.94 1.62
N PHE B 342 18.01 39.75 1.54
CA PHE B 342 17.14 39.99 2.68
C PHE B 342 15.93 39.06 2.65
N ASN B 343 15.15 39.10 3.73
CA ASN B 343 14.02 38.19 3.90
C ASN B 343 14.40 36.74 3.64
N ARG B 344 15.55 36.34 4.18
CA ARG B 344 15.95 34.94 4.14
C ARG B 344 14.98 34.12 4.96
N ALA B 345 14.60 32.94 4.46
CA ALA B 345 13.62 32.12 5.15
C ALA B 345 13.55 30.68 4.67
N MET B 346 13.15 29.78 5.57
CA MET B 346 12.87 28.40 5.23
C MET B 346 11.38 28.19 4.95
N CYS B 347 11.08 27.35 3.97
CA CYS B 347 9.72 27.08 3.54
C CYS B 347 9.52 25.56 3.53
N TRP B 348 8.42 25.08 4.10
CA TRP B 348 8.28 23.65 4.36
C TRP B 348 7.29 22.89 3.46
N CYS B 349 7.73 21.74 2.97
CA CYS B 349 6.88 20.79 2.25
C CYS B 349 6.93 19.44 2.93
N THR B 350 6.19 18.47 2.40
CA THR B 350 6.29 17.10 2.91
C THR B 350 6.42 16.13 1.73
N ASP B 351 7.48 15.33 1.76
CA ASP B 351 7.78 14.40 0.66
C ASP B 351 7.18 13.03 0.90
N THR B 352 6.62 12.44 -0.15
CA THR B 352 6.28 11.03 -0.12
C THR B 352 7.45 10.30 -0.76
N ALA B 353 7.40 8.97 -0.78
CA ALA B 353 8.49 8.18 -1.36
C ALA B 353 8.60 8.36 -2.87
N ASP B 354 7.45 8.52 -3.54
CA ASP B 354 7.42 8.55 -5.00
C ASP B 354 7.01 9.92 -5.55
N ALA B 355 6.95 10.90 -4.66
CA ALA B 355 6.57 12.27 -4.98
C ALA B 355 5.15 12.36 -5.52
N ASN B 356 4.35 11.32 -5.25
CA ASN B 356 2.92 11.37 -5.52
C ASN B 356 2.19 11.86 -4.28
N LEU B 357 1.01 12.44 -4.49
CA LEU B 357 0.24 12.97 -3.38
C LEU B 357 -0.21 11.87 -2.44
N LEU B 358 -0.58 12.26 -1.23
CA LEU B 358 -1.25 11.35 -0.31
C LEU B 358 -2.66 11.88 -0.11
N VAL B 359 -3.59 11.38 -0.91
CA VAL B 359 -4.97 11.84 -0.85
C VAL B 359 -5.87 10.63 -0.77
N CYS B 360 -6.34 10.35 0.44
CA CYS B 360 -7.08 9.13 0.72
C CYS B 360 -7.87 9.27 2.00
N GLU B 361 -8.84 8.39 2.20
CA GLU B 361 -9.50 8.30 3.49
C GLU B 361 -8.58 7.53 4.44
N HIS B 362 -8.58 7.93 5.71
CA HIS B 362 -7.83 7.22 6.73
C HIS B 362 -8.26 5.76 6.76
N PRO B 363 -7.30 4.84 6.91
CA PRO B 363 -7.63 3.42 6.83
C PRO B 363 -8.52 2.95 8.00
N ARG B 364 -8.44 3.65 9.13
CA ARG B 364 -9.20 3.28 10.32
C ARG B 364 -10.23 4.32 10.73
N TRP B 365 -9.84 5.59 10.70
CA TRP B 365 -10.72 6.69 11.12
C TRP B 365 -11.67 7.10 10.00
N LYS B 366 -12.73 6.34 9.81
CA LYS B 366 -13.68 6.62 8.76
C LYS B 366 -14.30 8.02 8.91
N GLY B 367 -14.22 8.82 7.86
CA GLY B 367 -14.71 10.18 7.90
C GLY B 367 -13.56 11.17 7.98
N PHE B 368 -12.37 10.65 8.29
CA PHE B 368 -11.16 11.45 8.33
C PHE B 368 -10.36 11.22 7.05
N TYR B 369 -10.09 12.29 6.33
CA TYR B 369 -9.40 12.20 5.05
C TYR B 369 -8.06 12.93 5.05
N LEU B 370 -7.05 12.31 4.45
CA LEU B 370 -5.75 12.97 4.30
C LEU B 370 -5.68 13.67 2.93
N ALA B 371 -5.25 14.93 2.94
CA ALA B 371 -5.03 15.66 1.70
C ALA B 371 -3.67 16.36 1.74
N THR B 372 -2.61 15.59 1.49
CA THR B 372 -1.25 16.11 1.59
C THR B 372 -0.28 15.27 0.75
N GLY B 373 1.01 15.28 1.12
CA GLY B 373 2.02 14.57 0.35
C GLY B 373 2.39 15.36 -0.88
N ASP B 374 2.30 16.69 -0.76
CA ASP B 374 2.53 17.63 -1.83
C ASP B 374 3.88 17.47 -2.52
N SER B 375 4.84 16.95 -1.77
CA SER B 375 6.17 16.66 -2.28
C SER B 375 6.87 17.84 -2.96
N GLY B 376 6.49 19.06 -2.60
CA GLY B 376 7.24 20.23 -3.00
C GLY B 376 7.26 20.53 -4.48
N HIS B 377 6.14 20.21 -5.14
CA HIS B 377 5.93 20.42 -6.57
C HIS B 377 4.46 20.74 -6.84
N SER B 378 3.71 21.07 -5.79
CA SER B 378 2.26 21.07 -5.86
C SER B 378 1.51 22.41 -5.76
N PHE B 379 2.20 23.55 -5.71
CA PHE B 379 1.44 24.80 -5.65
C PHE B 379 0.69 25.00 -6.95
N LYS B 380 1.31 24.59 -8.05
CA LYS B 380 0.70 24.71 -9.37
C LYS B 380 -0.69 24.08 -9.45
N LEU B 381 -1.00 23.20 -8.50
CA LEU B 381 -2.28 22.50 -8.48
C LEU B 381 -3.35 23.22 -7.66
N LEU B 382 -3.04 24.42 -7.19
CA LEU B 382 -3.99 25.21 -6.40
C LEU B 382 -5.37 25.32 -7.04
N PRO B 383 -5.44 25.53 -8.37
CA PRO B 383 -6.83 25.69 -8.84
C PRO B 383 -7.63 24.39 -8.87
N ASN B 384 -6.99 23.23 -8.99
CA ASN B 384 -7.76 22.03 -9.28
C ASN B 384 -7.62 20.86 -8.31
N ILE B 385 -6.63 20.89 -7.42
CA ILE B 385 -6.43 19.73 -6.56
C ILE B 385 -7.63 19.51 -5.63
N GLY B 386 -8.28 20.60 -5.22
CA GLY B 386 -9.44 20.49 -4.36
C GLY B 386 -10.61 19.80 -5.04
N LYS B 387 -10.63 19.89 -6.37
CA LYS B 387 -11.68 19.26 -7.16
C LYS B 387 -11.62 17.75 -6.96
N HIS B 388 -10.40 17.23 -6.90
CA HIS B 388 -10.20 15.79 -6.78
C HIS B 388 -10.27 15.32 -5.32
N VAL B 389 -10.01 16.23 -4.39
CA VAL B 389 -10.20 15.92 -2.98
C VAL B 389 -11.70 15.79 -2.66
N VAL B 390 -12.53 16.65 -3.26
CA VAL B 390 -13.97 16.55 -3.07
C VAL B 390 -14.49 15.26 -3.73
N GLU B 391 -13.97 14.96 -4.92
CA GLU B 391 -14.32 13.70 -5.60
C GLU B 391 -14.03 12.49 -4.71
N LEU B 392 -12.93 12.56 -3.97
CA LEU B 392 -12.60 11.49 -3.04
C LEU B 392 -13.63 11.41 -1.94
N LEU B 393 -14.03 12.56 -1.39
CA LEU B 393 -15.01 12.62 -0.32
C LEU B 393 -16.32 11.97 -0.76
N GLU B 394 -16.62 12.06 -2.04
CA GLU B 394 -17.87 11.54 -2.59
C GLU B 394 -17.70 10.18 -3.26
N GLY B 395 -16.52 9.59 -3.13
CA GLY B 395 -16.26 8.28 -3.70
C GLY B 395 -16.33 8.26 -5.22
N ARG B 396 -15.98 9.38 -5.86
CA ARG B 396 -16.03 9.48 -7.31
C ARG B 396 -14.65 9.63 -7.93
N LEU B 397 -13.61 9.27 -7.19
CA LEU B 397 -12.25 9.53 -7.66
C LEU B 397 -11.77 8.53 -8.72
N GLU B 398 -11.51 9.04 -9.93
CA GLU B 398 -10.89 8.25 -10.99
C GLU B 398 -9.72 7.44 -10.45
N SER B 399 -9.66 6.16 -10.85
CA SER B 399 -8.67 5.23 -10.30
C SER B 399 -7.23 5.67 -10.58
N VAL B 400 -7.01 6.39 -11.69
CA VAL B 400 -5.67 6.86 -12.01
C VAL B 400 -5.12 7.72 -10.86
N PHE B 401 -5.99 8.56 -10.28
CA PHE B 401 -5.62 9.39 -9.14
C PHE B 401 -5.65 8.61 -7.83
N LYS B 402 -6.71 7.82 -7.65
CA LYS B 402 -6.95 7.14 -6.38
C LYS B 402 -5.81 6.18 -6.06
N ASP B 403 -5.41 5.38 -7.04
CA ASP B 403 -4.37 4.39 -6.84
C ASP B 403 -3.00 5.03 -6.60
N ALA B 404 -2.75 6.15 -7.26
CA ALA B 404 -1.47 6.83 -7.14
C ALA B 404 -1.37 7.52 -5.79
N TRP B 405 -2.53 7.88 -5.25
CA TRP B 405 -2.64 8.65 -4.00
C TRP B 405 -2.99 7.81 -2.77
N ARG B 406 -3.11 6.51 -2.94
CA ARG B 406 -3.61 5.63 -1.89
C ARG B 406 -2.77 5.64 -0.62
N TRP B 407 -3.37 5.20 0.49
CA TRP B 407 -2.66 4.97 1.74
C TRP B 407 -1.60 3.90 1.49
N ARG B 408 -0.33 4.24 1.70
CA ARG B 408 0.75 3.34 1.29
C ARG B 408 1.99 3.39 2.19
N PRO B 409 1.84 3.06 3.48
CA PRO B 409 3.05 2.94 4.32
C PRO B 409 3.94 1.78 3.87
N GLY B 410 5.25 1.97 4.00
CA GLY B 410 6.22 0.95 3.67
C GLY B 410 6.47 0.82 2.18
N SER B 411 6.23 1.89 1.44
CA SER B 411 6.33 1.83 -0.02
C SER B 411 7.55 2.55 -0.58
N GLY B 412 8.48 2.92 0.30
CA GLY B 412 9.71 3.56 -0.13
C GLY B 412 10.22 4.55 0.90
N ASP B 413 11.45 5.01 0.72
CA ASP B 413 12.05 5.96 1.65
C ASP B 413 11.76 7.42 1.29
N ALA B 414 10.89 8.06 2.06
CA ALA B 414 10.51 9.43 1.76
C ALA B 414 11.61 10.44 2.15
N LEU B 415 12.58 9.98 2.94
CA LEU B 415 13.68 10.85 3.34
C LEU B 415 14.50 11.24 2.12
N LYS B 416 14.67 10.28 1.20
CA LYS B 416 15.35 10.55 -0.07
C LYS B 416 14.32 10.89 -1.14
N SER B 417 13.19 10.20 -1.12
CA SER B 417 12.12 10.39 -2.10
C SER B 417 12.68 10.26 -3.52
N ARG B 418 12.33 11.20 -4.38
CA ARG B 418 12.84 11.18 -5.74
C ARG B 418 13.93 12.23 -5.94
N ARG B 419 14.54 12.67 -4.85
CA ARG B 419 15.55 13.71 -4.95
C ARG B 419 16.95 13.08 -4.93
N ALA B 420 17.97 13.92 -4.97
CA ALA B 420 19.33 13.43 -5.24
C ALA B 420 19.92 12.61 -4.09
N ALA B 421 19.45 12.86 -2.88
CA ALA B 421 20.00 12.20 -1.70
C ALA B 421 19.05 12.33 -0.53
N PRO B 422 19.26 11.54 0.53
CA PRO B 422 18.44 11.76 1.74
C PRO B 422 18.66 13.17 2.29
N ALA B 423 17.59 13.80 2.77
CA ALA B 423 17.68 15.16 3.26
C ALA B 423 18.54 15.21 4.52
N LYS B 424 19.43 16.20 4.59
CA LYS B 424 20.24 16.41 5.79
C LYS B 424 19.38 17.09 6.85
N ASP B 425 19.77 16.99 8.11
CA ASP B 425 18.96 17.53 9.19
C ASP B 425 19.47 18.89 9.66
N LEU B 426 18.55 19.77 10.01
CA LEU B 426 18.89 21.13 10.44
C LEU B 426 19.82 21.14 11.64
N ALA B 427 19.80 20.06 12.41
CA ALA B 427 20.63 19.95 13.61
C ALA B 427 22.11 19.82 13.24
N ASP B 428 22.36 19.38 12.00
CA ASP B 428 23.72 19.17 11.52
C ASP B 428 24.13 20.28 10.55
N MET B 429 23.28 21.30 10.43
CA MET B 429 23.51 22.40 9.49
C MET B 429 23.37 23.76 10.19
N PRO B 430 24.46 24.27 10.77
CA PRO B 430 24.37 25.53 11.52
C PRO B 430 24.04 26.76 10.66
N GLY B 431 23.45 27.78 11.27
CA GLY B 431 23.31 29.07 10.64
C GLY B 431 21.93 29.70 10.69
N TRP B 432 20.90 28.88 10.84
CA TRP B 432 19.52 29.33 10.71
C TRP B 432 18.89 29.90 11.98
N ARG B 433 19.42 29.55 13.14
CA ARG B 433 18.75 29.88 14.39
C ARG B 433 18.91 31.35 14.78
N ASN B 434 20.13 31.86 14.74
CA ASN B 434 20.39 33.27 15.07
C ASN B 434 19.89 33.67 16.46
#